data_7BMJ
#
_entry.id   7BMJ
#
_cell.length_a   49.350
_cell.length_b   59.480
_cell.length_c   95.540
_cell.angle_alpha   104.260
_cell.angle_beta   91.510
_cell.angle_gamma   92.760
#
_symmetry.space_group_name_H-M   'P 1'
#
loop_
_entity.id
_entity.type
_entity.pdbx_description
1 polymer 'Aspartyl/asparaginyl beta-hydroxylase'
2 polymer 'Coagulation factor X'
3 non-polymer 'MANGANESE (II) ION'
4 non-polymer '5-fluoranylpyridine-2,4-dicarboxylic acid'
5 water water
#
loop_
_entity_poly.entity_id
_entity_poly.type
_entity_poly.pdbx_seq_one_letter_code
_entity_poly.pdbx_strand_id
1 'polypeptide(L)'
;KPKLLNKFDKTIKAELDAAEKLRKRGKIEEAVNAFKELVRKYPQSPRARYGKAQCEDDLAEKRRSNEVLRGAIETYQEVA
SLPDVPADLLKLSLKRRSDRQQFLGHMRGSLLTLQRLVQLFPNDTSLKNDLGVGYLLIGDNDNAKKVYEEVLSVTPNDGF
AKVHYGFILKAQNKIAESIPYLKEGIESGDPGTDDGRFYFHLGDAMQRVGNKEAYKWYELGHKRGHFASVWQRSLYNVNG
LKAQPWWTPKETGYTELVKSLERNWKLIRDEGLAVMDKAKGLFLPEDENLREKGDWSQFTLWQQGRRNENACKGAPKTCT
LLEKFPETTGCRRGQIKYSIMHPGTHVWPHTGPTNCRLRMHLGLVIPKEGCKIRCANETKTWEEGKVLIFDDSFEHEVWQ
DASSFRLIFIVDVWHPELTPQQRRSLPAI
;
A,C
2 'polypeptide(L)' DGDQSETSPSQNQGKCKDGLGEYTCTSLEGFEGKNSELF B
#
loop_
_chem_comp.id
_chem_comp.type
_chem_comp.name
_chem_comp.formula
MN non-polymer 'MANGANESE (II) ION' 'Mn 2'
U4Q non-polymer '5-fluoranylpyridine-2,4-dicarboxylic acid' 'C7 H4 F N O4'
#
# COMPACT_ATOMS: atom_id res chain seq x y z
N LYS A 1 1.21 0.68 -33.83
CA LYS A 1 0.84 -0.72 -33.99
C LYS A 1 -0.22 -1.15 -32.95
N PRO A 2 -0.11 -0.67 -31.71
CA PRO A 2 -1.14 -0.99 -30.72
C PRO A 2 -2.49 -0.43 -31.09
N LYS A 3 -3.50 -1.30 -31.12
CA LYS A 3 -4.88 -0.93 -31.41
C LYS A 3 -5.65 -0.94 -30.10
N LEU A 4 -5.78 0.23 -29.47
CA LEU A 4 -6.31 0.33 -28.13
C LEU A 4 -7.74 0.85 -28.04
N LEU A 5 -8.31 1.31 -29.15
CA LEU A 5 -9.62 1.95 -29.13
C LEU A 5 -10.61 1.05 -29.85
N ASN A 6 -11.68 0.66 -29.14
CA ASN A 6 -12.80 0.03 -29.83
C ASN A 6 -13.65 1.09 -30.52
N LYS A 7 -14.68 0.62 -31.24
CA LYS A 7 -15.49 1.54 -32.05
C LYS A 7 -16.09 2.64 -31.20
N PHE A 8 -16.60 2.29 -30.02
CA PHE A 8 -17.13 3.33 -29.14
C PHE A 8 -16.04 4.33 -28.76
N ASP A 9 -14.88 3.86 -28.29
CA ASP A 9 -13.85 4.80 -27.87
C ASP A 9 -13.40 5.71 -29.01
N LYS A 10 -13.48 5.26 -30.26
CA LYS A 10 -13.12 6.14 -31.37
C LYS A 10 -14.07 7.32 -31.48
N THR A 11 -15.31 7.18 -31.01
CA THR A 11 -16.25 8.29 -31.02
C THR A 11 -15.84 9.41 -30.06
N ILE A 12 -14.97 9.13 -29.10
CA ILE A 12 -14.54 10.12 -28.12
C ILE A 12 -13.01 10.19 -28.11
N LYS A 13 -12.39 9.90 -29.25
CA LYS A 13 -10.94 9.83 -29.30
C LYS A 13 -10.30 11.15 -28.88
N ALA A 14 -10.94 12.28 -29.18
CA ALA A 14 -10.36 13.58 -28.86
C ALA A 14 -10.25 13.78 -27.36
N GLU A 15 -11.30 13.44 -26.61
CA GLU A 15 -11.24 13.58 -25.16
C GLU A 15 -10.22 12.64 -24.56
N LEU A 16 -10.13 11.42 -25.08
CA LEU A 16 -9.18 10.45 -24.55
C LEU A 16 -7.74 10.87 -24.83
N ASP A 17 -7.49 11.39 -26.03
CA ASP A 17 -6.15 11.82 -26.39
C ASP A 17 -5.72 13.05 -25.58
N ALA A 18 -6.66 13.94 -25.25
CA ALA A 18 -6.34 15.08 -24.41
C ALA A 18 -5.91 14.62 -23.03
N ALA A 19 -6.65 13.68 -22.44
CA ALA A 19 -6.31 13.18 -21.11
C ALA A 19 -4.96 12.48 -21.12
N GLU A 20 -4.70 11.66 -22.12
CA GLU A 20 -3.43 10.94 -22.18
C GLU A 20 -2.27 11.89 -22.39
N LYS A 21 -2.48 12.95 -23.18
CA LYS A 21 -1.43 13.95 -23.38
C LYS A 21 -1.02 14.56 -22.05
N LEU A 22 -2.00 14.87 -21.20
CA LEU A 22 -1.67 15.37 -19.87
C LEU A 22 -0.79 14.38 -19.12
N ARG A 23 -1.09 13.07 -19.23
CA ARG A 23 -0.29 12.08 -18.50
C ARG A 23 1.11 11.97 -19.06
N LYS A 24 1.25 11.96 -20.40
CA LYS A 24 2.56 11.83 -21.01
C LYS A 24 3.42 13.05 -20.72
N ARG A 25 2.82 14.22 -20.50
CA ARG A 25 3.56 15.42 -20.16
C ARG A 25 3.80 15.58 -18.67
N GLY A 26 3.36 14.62 -17.85
CA GLY A 26 3.68 14.63 -16.44
C GLY A 26 2.69 15.35 -15.55
N LYS A 27 1.56 15.82 -16.08
CA LYS A 27 0.55 16.52 -15.29
C LYS A 27 -0.40 15.48 -14.68
N ILE A 28 0.14 14.71 -13.72
CA ILE A 28 -0.59 13.54 -13.24
C ILE A 28 -1.88 13.96 -12.54
N GLU A 29 -1.80 14.93 -11.64
CA GLU A 29 -3.01 15.41 -10.97
C GLU A 29 -4.07 15.79 -12.00
N GLU A 30 -3.68 16.59 -13.00
CA GLU A 30 -4.62 16.99 -14.05
C GLU A 30 -5.15 15.78 -14.82
N ALA A 31 -4.27 14.82 -15.12
CA ALA A 31 -4.67 13.66 -15.90
C ALA A 31 -5.63 12.78 -15.12
N VAL A 32 -5.34 12.56 -13.83
CA VAL A 32 -6.23 11.80 -12.96
C VAL A 32 -7.65 12.32 -13.05
N ASN A 33 -7.82 13.64 -12.86
CA ASN A 33 -9.17 14.19 -12.85
C ASN A 33 -9.79 14.23 -14.25
N ALA A 34 -8.97 14.23 -15.30
CA ALA A 34 -9.51 14.13 -16.65
C ALA A 34 -10.07 12.74 -16.91
N PHE A 35 -9.29 11.71 -16.59
CA PHE A 35 -9.78 10.35 -16.83
C PHE A 35 -10.90 9.99 -15.88
N LYS A 36 -10.90 10.55 -14.67
CA LYS A 36 -12.03 10.36 -13.76
C LYS A 36 -13.31 10.89 -14.40
N GLU A 37 -13.24 12.11 -14.94
CA GLU A 37 -14.40 12.66 -15.65
C GLU A 37 -14.83 11.75 -16.79
N LEU A 38 -13.87 11.22 -17.55
CA LEU A 38 -14.23 10.35 -18.68
C LEU A 38 -14.87 9.06 -18.18
N VAL A 39 -14.31 8.46 -17.13
CA VAL A 39 -14.90 7.26 -16.56
C VAL A 39 -16.30 7.56 -16.04
N ARG A 40 -16.51 8.77 -15.50
CA ARG A 40 -17.84 9.15 -15.05
C ARG A 40 -18.79 9.31 -16.23
N LYS A 41 -18.37 10.05 -17.25
CA LYS A 41 -19.23 10.27 -18.41
C LYS A 41 -19.45 9.00 -19.21
N TYR A 42 -18.42 8.14 -19.31
CA TYR A 42 -18.46 6.93 -20.13
C TYR A 42 -18.07 5.73 -19.29
N PRO A 43 -18.97 5.25 -18.43
CA PRO A 43 -18.63 4.12 -17.56
C PRO A 43 -18.20 2.87 -18.32
N GLN A 44 -18.57 2.74 -19.59
N GLN A 44 -18.58 2.72 -19.59
CA GLN A 44 -18.30 1.55 -20.38
CA GLN A 44 -18.28 1.54 -20.37
C GLN A 44 -17.07 1.70 -21.26
C GLN A 44 -17.07 1.71 -21.27
N SER A 45 -16.32 2.79 -21.12
CA SER A 45 -15.16 3.03 -21.99
C SER A 45 -13.96 2.24 -21.48
N PRO A 46 -13.44 1.28 -22.25
CA PRO A 46 -12.20 0.60 -21.82
C PRO A 46 -11.00 1.53 -21.79
N ARG A 47 -10.92 2.47 -22.74
CA ARG A 47 -9.72 3.29 -22.80
C ARG A 47 -9.70 4.31 -21.67
N ALA A 48 -10.87 4.84 -21.32
CA ALA A 48 -10.93 5.76 -20.19
C ALA A 48 -10.55 5.05 -18.90
N ARG A 49 -11.00 3.81 -18.73
CA ARG A 49 -10.69 3.03 -17.55
C ARG A 49 -9.19 2.73 -17.48
N TYR A 50 -8.58 2.39 -18.62
CA TYR A 50 -7.15 2.11 -18.64
C TYR A 50 -6.34 3.37 -18.34
N GLY A 51 -6.79 4.52 -18.84
CA GLY A 51 -6.11 5.76 -18.50
C GLY A 51 -6.17 6.06 -17.01
N LYS A 52 -7.35 5.86 -16.39
CA LYS A 52 -7.44 5.96 -14.94
C LYS A 52 -6.42 5.06 -14.26
N ALA A 53 -6.30 3.83 -14.73
CA ALA A 53 -5.38 2.89 -14.10
C ALA A 53 -3.93 3.34 -14.28
N GLN A 54 -3.57 3.75 -15.49
CA GLN A 54 -2.21 4.20 -15.73
C GLN A 54 -1.88 5.45 -14.91
N CYS A 55 -2.87 6.31 -14.68
CA CYS A 55 -2.63 7.49 -13.85
C CYS A 55 -2.44 7.10 -12.40
N GLU A 56 -3.20 6.13 -11.92
CA GLU A 56 -3.01 5.63 -10.55
C GLU A 56 -1.64 4.96 -10.42
N ASP A 57 -1.27 4.18 -11.42
CA ASP A 57 0.06 3.59 -11.50
C ASP A 57 1.14 4.67 -11.45
N ASP A 58 1.02 5.72 -12.26
CA ASP A 58 1.99 6.81 -12.22
C ASP A 58 1.99 7.48 -10.85
N LEU A 59 0.80 7.74 -10.31
CA LEU A 59 0.71 8.41 -9.02
C LEU A 59 1.31 7.55 -7.91
N ALA A 60 1.22 6.22 -8.05
CA ALA A 60 1.85 5.34 -7.07
C ALA A 60 3.36 5.45 -7.13
N GLU A 61 3.93 5.59 -8.33
CA GLU A 61 5.37 5.78 -8.45
C GLU A 61 5.81 7.10 -7.82
N LYS A 62 5.06 8.17 -8.09
CA LYS A 62 5.43 9.49 -7.57
C LYS A 62 5.41 9.50 -6.03
N ARG A 63 4.36 8.96 -5.43
CA ARG A 63 4.23 8.95 -3.97
C ARG A 63 4.91 7.76 -3.31
N ARG A 64 5.38 6.77 -4.10
CA ARG A 64 5.97 5.55 -3.56
C ARG A 64 4.99 4.85 -2.63
N SER A 65 3.72 4.78 -3.07
CA SER A 65 2.62 4.31 -2.23
C SER A 65 2.14 2.96 -2.72
N ASN A 66 2.25 1.94 -1.87
CA ASN A 66 1.68 0.64 -2.19
C ASN A 66 0.17 0.70 -2.24
N GLU A 67 -0.45 1.49 -1.35
CA GLU A 67 -1.91 1.53 -1.31
C GLU A 67 -2.46 2.10 -2.62
N VAL A 68 -1.88 3.20 -3.10
CA VAL A 68 -2.29 3.74 -4.39
C VAL A 68 -2.15 2.68 -5.46
N LEU A 69 -1.04 1.95 -5.46
CA LEU A 69 -0.82 0.95 -6.49
C LEU A 69 -1.85 -0.17 -6.41
N ARG A 70 -2.25 -0.54 -5.19
N ARG A 70 -2.24 -0.55 -5.19
CA ARG A 70 -3.31 -1.54 -5.06
CA ARG A 70 -3.32 -1.53 -5.04
C ARG A 70 -4.59 -1.07 -5.75
C ARG A 70 -4.58 -1.06 -5.75
N GLY A 71 -4.86 0.24 -5.71
CA GLY A 71 -6.02 0.76 -6.43
C GLY A 71 -5.85 0.65 -7.93
N ALA A 72 -4.66 0.97 -8.45
CA ALA A 72 -4.39 0.78 -9.87
C ALA A 72 -4.61 -0.67 -10.29
N ILE A 73 -4.18 -1.61 -9.45
CA ILE A 73 -4.29 -3.03 -9.77
C ILE A 73 -5.74 -3.42 -9.95
N GLU A 74 -6.65 -2.85 -9.17
CA GLU A 74 -8.06 -3.18 -9.32
C GLU A 74 -8.64 -2.50 -10.57
N THR A 75 -8.18 -1.30 -10.90
CA THR A 75 -8.69 -0.63 -12.09
C THR A 75 -8.25 -1.36 -13.36
N TYR A 76 -7.01 -1.86 -13.38
CA TYR A 76 -6.56 -2.64 -14.50
C TYR A 76 -7.45 -3.86 -14.74
N GLN A 77 -7.98 -4.44 -13.66
CA GLN A 77 -8.92 -5.56 -13.82
C GLN A 77 -10.27 -5.08 -14.34
N GLU A 78 -10.74 -3.91 -13.88
CA GLU A 78 -12.01 -3.39 -14.39
C GLU A 78 -11.95 -3.21 -15.90
N VAL A 79 -10.79 -2.81 -16.44
CA VAL A 79 -10.65 -2.66 -17.89
C VAL A 79 -11.03 -3.96 -18.59
N ALA A 80 -10.58 -5.10 -18.05
CA ALA A 80 -10.77 -6.37 -18.76
C ALA A 80 -12.20 -6.86 -18.74
N SER A 81 -13.07 -6.29 -17.91
CA SER A 81 -14.45 -6.74 -17.81
C SER A 81 -15.43 -5.88 -18.61
N LEU A 82 -14.98 -4.83 -19.27
CA LEU A 82 -15.88 -3.91 -19.95
C LEU A 82 -16.24 -4.42 -21.34
N PRO A 83 -17.26 -3.82 -21.97
CA PRO A 83 -17.68 -4.30 -23.30
C PRO A 83 -16.60 -4.10 -24.35
N ASP A 84 -16.42 -5.14 -25.17
CA ASP A 84 -15.72 -5.00 -26.45
C ASP A 84 -14.32 -4.40 -26.25
N VAL A 85 -13.54 -5.03 -25.37
CA VAL A 85 -12.19 -4.56 -25.08
C VAL A 85 -11.26 -5.00 -26.21
N PRO A 86 -10.58 -4.09 -26.90
CA PRO A 86 -9.62 -4.52 -27.92
C PRO A 86 -8.59 -5.47 -27.32
N ALA A 87 -8.16 -6.44 -28.14
CA ALA A 87 -7.24 -7.47 -27.68
C ALA A 87 -5.93 -6.86 -27.16
N ASP A 88 -5.39 -5.88 -27.88
CA ASP A 88 -4.13 -5.27 -27.44
C ASP A 88 -4.28 -4.62 -26.07
N LEU A 89 -5.43 -3.98 -25.84
CA LEU A 89 -5.65 -3.29 -24.56
C LEU A 89 -5.88 -4.30 -23.45
N LEU A 90 -6.60 -5.38 -23.75
CA LEU A 90 -6.82 -6.42 -22.75
C LEU A 90 -5.50 -7.01 -22.27
N LYS A 91 -4.60 -7.33 -23.22
CA LYS A 91 -3.31 -7.90 -22.86
C LYS A 91 -2.46 -6.91 -22.06
N LEU A 92 -2.40 -5.66 -22.51
CA LEU A 92 -1.61 -4.66 -21.80
C LEU A 92 -2.08 -4.51 -20.36
N SER A 93 -3.40 -4.40 -20.17
CA SER A 93 -3.94 -4.10 -18.84
C SER A 93 -3.68 -5.24 -17.87
N LEU A 94 -3.96 -6.48 -18.29
CA LEU A 94 -3.75 -7.62 -17.41
C LEU A 94 -2.27 -7.91 -17.20
N LYS A 95 -1.43 -7.70 -18.23
CA LYS A 95 0.00 -7.88 -18.02
C LYS A 95 0.53 -6.92 -16.98
N ARG A 96 0.16 -5.64 -17.08
CA ARG A 96 0.61 -4.67 -16.09
C ARG A 96 0.09 -5.02 -14.70
N ARG A 97 -1.17 -5.45 -14.62
N ARG A 97 -1.18 -5.46 -14.62
CA ARG A 97 -1.73 -5.89 -13.34
CA ARG A 97 -1.72 -5.87 -13.33
C ARG A 97 -0.85 -6.96 -12.70
C ARG A 97 -0.86 -6.97 -12.70
N SER A 98 -0.52 -7.99 -13.48
CA SER A 98 0.30 -9.08 -12.95
C SER A 98 1.69 -8.59 -12.57
N ASP A 99 2.27 -7.71 -13.39
CA ASP A 99 3.59 -7.17 -13.07
C ASP A 99 3.55 -6.39 -11.76
N ARG A 100 2.55 -5.52 -11.60
CA ARG A 100 2.43 -4.75 -10.37
C ARG A 100 2.09 -5.65 -9.19
N GLN A 101 1.30 -6.69 -9.41
CA GLN A 101 1.05 -7.65 -8.33
C GLN A 101 2.36 -8.27 -7.86
N GLN A 102 3.24 -8.63 -8.80
CA GLN A 102 4.55 -9.15 -8.40
C GLN A 102 5.34 -8.10 -7.63
N PHE A 103 5.29 -6.85 -8.09
CA PHE A 103 6.01 -5.79 -7.40
C PHE A 103 5.58 -5.69 -5.93
N LEU A 104 4.30 -5.91 -5.65
CA LEU A 104 3.80 -5.79 -4.29
C LEU A 104 4.09 -7.02 -3.44
N GLY A 105 4.52 -8.12 -4.07
CA GLY A 105 4.65 -9.39 -3.38
C GLY A 105 3.39 -10.22 -3.38
N HIS A 106 2.36 -9.81 -4.11
CA HIS A 106 1.15 -10.61 -4.28
C HIS A 106 1.39 -11.64 -5.38
N MET A 107 2.27 -12.60 -5.06
CA MET A 107 2.65 -13.61 -6.05
C MET A 107 1.49 -14.53 -6.41
N ARG A 108 0.57 -14.79 -5.46
CA ARG A 108 -0.58 -15.63 -5.77
C ARG A 108 -1.58 -14.89 -6.66
N GLY A 109 -1.77 -13.59 -6.43
CA GLY A 109 -2.64 -12.83 -7.29
C GLY A 109 -2.08 -12.67 -8.69
N SER A 110 -0.77 -12.46 -8.80
CA SER A 110 -0.14 -12.40 -10.10
C SER A 110 -0.32 -13.71 -10.85
N LEU A 111 -0.18 -14.84 -10.16
CA LEU A 111 -0.33 -16.13 -10.82
C LEU A 111 -1.74 -16.31 -11.38
N LEU A 112 -2.75 -15.86 -10.64
CA LEU A 112 -4.12 -15.93 -11.13
C LEU A 112 -4.29 -15.09 -12.39
N THR A 113 -3.75 -13.86 -12.38
CA THR A 113 -3.82 -13.02 -13.57
C THR A 113 -3.08 -13.66 -14.74
N LEU A 114 -1.95 -14.30 -14.46
CA LEU A 114 -1.19 -14.96 -15.52
C LEU A 114 -1.92 -16.17 -16.08
N GLN A 115 -2.64 -16.90 -15.23
CA GLN A 115 -3.43 -18.02 -15.72
C GLN A 115 -4.57 -17.53 -16.61
N ARG A 116 -5.16 -16.39 -16.27
CA ARG A 116 -6.22 -15.82 -17.10
C ARG A 116 -5.65 -15.32 -18.43
N LEU A 117 -4.48 -14.68 -18.39
CA LEU A 117 -3.86 -14.20 -19.62
C LEU A 117 -3.61 -15.34 -20.59
N VAL A 118 -2.96 -16.41 -20.13
CA VAL A 118 -2.65 -17.52 -21.02
C VAL A 118 -3.93 -18.17 -21.54
N GLN A 119 -4.99 -18.14 -20.74
CA GLN A 119 -6.28 -18.67 -21.17
C GLN A 119 -6.92 -17.81 -22.24
N LEU A 120 -6.65 -16.50 -22.22
CA LEU A 120 -7.22 -15.58 -23.21
C LEU A 120 -6.41 -15.57 -24.50
N PHE A 121 -5.10 -15.82 -24.43
CA PHE A 121 -4.23 -15.81 -25.60
C PHE A 121 -3.44 -17.12 -25.63
N PRO A 122 -4.09 -18.23 -26.00
CA PRO A 122 -3.43 -19.54 -25.96
C PRO A 122 -2.19 -19.65 -26.84
N ASN A 123 -2.01 -18.74 -27.79
CA ASN A 123 -0.91 -18.84 -28.74
C ASN A 123 0.25 -17.92 -28.42
N ASP A 124 0.13 -17.09 -27.38
CA ASP A 124 1.20 -16.17 -27.03
C ASP A 124 2.25 -16.92 -26.22
N THR A 125 3.39 -17.20 -26.86
CA THR A 125 4.46 -17.93 -26.20
C THR A 125 4.98 -17.20 -24.98
N SER A 126 5.18 -15.88 -25.10
CA SER A 126 5.74 -15.11 -24.00
C SER A 126 4.85 -15.13 -22.77
N LEU A 127 3.53 -15.20 -22.97
CA LEU A 127 2.64 -15.24 -21.81
C LEU A 127 2.78 -16.55 -21.05
N LYS A 128 3.05 -17.66 -21.76
CA LYS A 128 3.31 -18.92 -21.07
C LYS A 128 4.63 -18.85 -20.32
N ASN A 129 5.68 -18.33 -20.97
CA ASN A 129 6.96 -18.12 -20.29
C ASN A 129 6.77 -17.32 -19.00
N ASP A 130 5.97 -16.27 -19.05
CA ASP A 130 5.71 -15.48 -17.84
C ASP A 130 4.87 -16.27 -16.85
N LEU A 131 3.95 -17.12 -17.34
CA LEU A 131 3.20 -17.97 -16.44
C LEU A 131 4.13 -18.91 -15.68
N GLY A 132 5.14 -19.46 -16.35
CA GLY A 132 6.09 -20.32 -15.67
C GLY A 132 6.80 -19.61 -14.54
N VAL A 133 7.25 -18.38 -14.79
CA VAL A 133 7.85 -17.56 -13.74
C VAL A 133 6.88 -17.37 -12.59
N GLY A 134 5.61 -17.10 -12.90
CA GLY A 134 4.61 -17.00 -11.85
C GLY A 134 4.58 -18.22 -10.96
N TYR A 135 4.69 -19.41 -11.55
CA TYR A 135 4.73 -20.63 -10.74
C TYR A 135 6.03 -20.70 -9.93
N LEU A 136 7.15 -20.39 -10.58
CA LEU A 136 8.43 -20.41 -9.89
C LEU A 136 8.41 -19.48 -8.67
N LEU A 137 7.76 -18.33 -8.79
CA LEU A 137 7.76 -17.38 -7.69
C LEU A 137 6.92 -17.83 -6.51
N ILE A 138 6.07 -18.84 -6.68
CA ILE A 138 5.35 -19.41 -5.54
C ILE A 138 5.98 -20.74 -5.09
N GLY A 139 7.12 -21.11 -5.67
CA GLY A 139 7.76 -22.37 -5.33
C GLY A 139 7.14 -23.60 -5.94
N ASP A 140 6.32 -23.45 -6.99
CA ASP A 140 5.65 -24.58 -7.61
C ASP A 140 6.45 -24.97 -8.85
N ASN A 141 7.55 -25.69 -8.62
CA ASN A 141 8.41 -26.07 -9.74
C ASN A 141 7.79 -27.18 -10.59
N ASP A 142 6.84 -27.94 -10.06
CA ASP A 142 6.19 -28.97 -10.86
C ASP A 142 5.32 -28.36 -11.95
N ASN A 143 4.45 -27.41 -11.57
CA ASN A 143 3.65 -26.71 -12.58
C ASN A 143 4.53 -25.84 -13.48
N ALA A 144 5.53 -25.18 -12.92
CA ALA A 144 6.45 -24.42 -13.75
C ALA A 144 7.10 -25.31 -14.79
N LYS A 145 7.52 -26.50 -14.40
CA LYS A 145 8.18 -27.41 -15.33
C LYS A 145 7.24 -27.82 -16.47
N LYS A 146 5.97 -28.11 -16.15
CA LYS A 146 5.03 -28.43 -17.21
C LYS A 146 4.88 -27.29 -18.19
N VAL A 147 4.79 -26.06 -17.69
CA VAL A 147 4.59 -24.91 -18.57
C VAL A 147 5.73 -24.83 -19.58
N TYR A 148 6.98 -24.98 -19.12
CA TYR A 148 8.11 -24.85 -20.03
C TYR A 148 8.25 -26.06 -20.94
N GLU A 149 7.79 -27.24 -20.49
CA GLU A 149 7.74 -28.38 -21.40
C GLU A 149 6.74 -28.13 -22.52
N GLU A 150 5.53 -27.68 -22.17
CA GLU A 150 4.58 -27.24 -23.18
C GLU A 150 5.23 -26.26 -24.14
N VAL A 151 5.84 -25.19 -23.61
CA VAL A 151 6.35 -24.11 -24.45
C VAL A 151 7.30 -24.65 -25.50
N LEU A 152 8.34 -25.35 -25.08
CA LEU A 152 9.34 -25.79 -26.06
C LEU A 152 8.93 -27.08 -26.77
N SER A 153 7.78 -27.65 -26.45
CA SER A 153 7.15 -28.58 -27.36
C SER A 153 6.59 -27.84 -28.58
N VAL A 154 6.08 -26.63 -28.36
CA VAL A 154 5.63 -25.78 -29.46
C VAL A 154 6.81 -25.07 -30.10
N THR A 155 7.64 -24.42 -29.28
CA THR A 155 8.75 -23.59 -29.74
C THR A 155 10.05 -24.11 -29.15
N PRO A 156 10.74 -25.02 -29.83
CA PRO A 156 11.86 -25.74 -29.20
C PRO A 156 13.09 -24.88 -28.95
N ASN A 157 13.25 -23.74 -29.63
CA ASN A 157 14.47 -22.94 -29.53
C ASN A 157 14.25 -21.63 -28.76
N ASP A 158 13.16 -21.51 -28.02
CA ASP A 158 12.94 -20.32 -27.20
C ASP A 158 13.96 -20.30 -26.06
N GLY A 159 14.93 -19.41 -26.16
CA GLY A 159 16.01 -19.39 -25.17
C GLY A 159 15.51 -19.19 -23.76
N PHE A 160 14.47 -18.37 -23.58
CA PHE A 160 13.94 -18.13 -22.24
C PHE A 160 13.43 -19.43 -21.61
N ALA A 161 12.67 -20.22 -22.38
CA ALA A 161 12.17 -21.48 -21.84
C ALA A 161 13.29 -22.48 -21.57
N LYS A 162 14.37 -22.43 -22.37
CA LYS A 162 15.48 -23.36 -22.18
C LYS A 162 16.16 -23.16 -20.81
N VAL A 163 16.58 -21.92 -20.50
CA VAL A 163 17.30 -21.71 -19.25
C VAL A 163 16.39 -21.98 -18.07
N HIS A 164 15.10 -21.64 -18.18
CA HIS A 164 14.21 -21.88 -17.06
C HIS A 164 13.96 -23.36 -16.86
N TYR A 165 13.87 -24.11 -17.96
CA TYR A 165 13.74 -25.55 -17.86
C TYR A 165 14.99 -26.19 -17.25
N GLY A 166 16.17 -25.76 -17.71
CA GLY A 166 17.39 -26.29 -17.14
C GLY A 166 17.56 -25.91 -15.67
N PHE A 167 17.14 -24.70 -15.30
CA PHE A 167 17.16 -24.31 -13.89
C PHE A 167 16.27 -25.23 -13.07
N ILE A 168 15.09 -25.58 -13.59
CA ILE A 168 14.21 -26.48 -12.86
C ILE A 168 14.83 -27.87 -12.76
N LEU A 169 15.43 -28.35 -13.85
CA LEU A 169 16.06 -29.67 -13.81
C LEU A 169 17.18 -29.72 -12.79
N LYS A 170 18.05 -28.71 -12.78
CA LYS A 170 19.14 -28.73 -11.81
C LYS A 170 18.62 -28.72 -10.38
N ALA A 171 17.52 -27.98 -10.15
CA ALA A 171 16.94 -27.95 -8.81
C ALA A 171 16.47 -29.33 -8.37
N GLN A 172 16.03 -30.15 -9.33
CA GLN A 172 15.62 -31.53 -9.08
C GLN A 172 16.79 -32.50 -9.12
N ASN A 173 18.02 -31.99 -9.18
CA ASN A 173 19.23 -32.81 -9.18
C ASN A 173 19.39 -33.61 -10.48
N LYS A 174 18.82 -33.12 -11.57
CA LYS A 174 19.10 -33.67 -12.90
C LYS A 174 20.30 -32.94 -13.49
N ILE A 175 21.46 -33.17 -12.86
CA ILE A 175 22.63 -32.36 -13.12
C ILE A 175 23.04 -32.48 -14.59
N ALA A 176 23.40 -33.69 -15.03
CA ALA A 176 23.85 -33.88 -16.40
C ALA A 176 22.79 -33.41 -17.40
N GLU A 177 21.51 -33.72 -17.12
N GLU A 177 21.51 -33.72 -17.12
CA GLU A 177 20.47 -33.37 -18.06
CA GLU A 177 20.45 -33.36 -18.05
C GLU A 177 20.31 -31.85 -18.19
C GLU A 177 20.31 -31.86 -18.19
N SER A 178 20.42 -31.13 -17.07
CA SER A 178 20.16 -29.69 -17.10
C SER A 178 21.22 -28.90 -17.85
N ILE A 179 22.38 -29.50 -18.11
CA ILE A 179 23.50 -28.77 -18.69
C ILE A 179 23.17 -28.25 -20.08
N PRO A 180 22.77 -29.11 -21.04
CA PRO A 180 22.46 -28.60 -22.39
C PRO A 180 21.40 -27.50 -22.41
N TYR A 181 20.36 -27.59 -21.57
CA TYR A 181 19.33 -26.58 -21.56
C TYR A 181 19.87 -25.24 -21.03
N LEU A 182 20.56 -25.29 -19.89
CA LEU A 182 21.16 -24.07 -19.35
C LEU A 182 22.18 -23.49 -20.31
N LYS A 183 23.04 -24.36 -20.86
CA LYS A 183 24.11 -23.90 -21.75
C LYS A 183 23.53 -23.26 -23.01
N GLU A 184 22.73 -24.01 -23.76
CA GLU A 184 22.19 -23.50 -25.01
C GLU A 184 21.41 -22.20 -24.78
N GLY A 185 20.64 -22.13 -23.69
CA GLY A 185 19.77 -20.99 -23.48
C GLY A 185 20.51 -19.69 -23.24
N ILE A 186 21.69 -19.76 -22.63
CA ILE A 186 22.49 -18.56 -22.42
C ILE A 186 23.08 -18.09 -23.75
N GLU A 187 23.66 -19.02 -24.51
CA GLU A 187 24.18 -18.69 -25.84
C GLU A 187 23.09 -18.17 -26.77
N SER A 188 21.82 -18.48 -26.49
CA SER A 188 20.73 -17.94 -27.30
C SER A 188 20.75 -16.42 -27.30
N GLY A 189 20.86 -15.82 -26.12
CA GLY A 189 20.84 -14.37 -26.01
C GLY A 189 19.47 -13.75 -25.91
N ASP A 190 18.42 -14.57 -25.79
CA ASP A 190 17.06 -14.04 -25.75
C ASP A 190 16.85 -13.16 -24.53
N PRO A 191 15.91 -12.22 -24.58
CA PRO A 191 15.58 -11.45 -23.39
C PRO A 191 15.29 -12.37 -22.21
N GLY A 192 15.84 -12.01 -21.06
CA GLY A 192 15.63 -12.77 -19.84
C GLY A 192 16.57 -13.94 -19.62
N THR A 193 17.52 -14.16 -20.53
CA THR A 193 18.49 -15.24 -20.34
C THR A 193 19.81 -14.76 -19.75
N ASP A 194 20.08 -13.45 -19.79
CA ASP A 194 21.31 -12.88 -19.23
C ASP A 194 21.08 -12.64 -17.73
N ASP A 195 21.00 -13.75 -17.00
CA ASP A 195 20.67 -13.74 -15.58
C ASP A 195 21.72 -14.53 -14.82
N GLY A 196 22.23 -13.95 -13.72
CA GLY A 196 23.28 -14.59 -12.96
C GLY A 196 22.93 -16.00 -12.49
N ARG A 197 21.65 -16.22 -12.17
CA ARG A 197 21.23 -17.55 -11.76
C ARG A 197 21.69 -18.61 -12.74
N PHE A 198 21.51 -18.37 -14.03
CA PHE A 198 21.79 -19.40 -15.02
C PHE A 198 23.28 -19.59 -15.22
N TYR A 199 24.07 -18.52 -15.12
CA TYR A 199 25.52 -18.67 -15.11
C TYR A 199 25.97 -19.42 -13.85
N PHE A 200 25.42 -19.03 -12.70
CA PHE A 200 25.74 -19.72 -11.46
C PHE A 200 25.53 -21.21 -11.57
N HIS A 201 24.34 -21.62 -12.01
CA HIS A 201 23.95 -23.03 -11.92
C HIS A 201 24.54 -23.87 -13.04
N LEU A 202 24.77 -23.30 -14.21
CA LEU A 202 25.44 -24.04 -15.27
C LEU A 202 26.83 -24.46 -14.81
N GLY A 203 27.64 -23.50 -14.34
CA GLY A 203 28.96 -23.84 -13.86
C GLY A 203 28.93 -24.87 -12.74
N ASP A 204 28.02 -24.69 -11.78
CA ASP A 204 27.93 -25.65 -10.69
C ASP A 204 27.56 -27.03 -11.23
N ALA A 205 26.57 -27.09 -12.12
CA ALA A 205 26.21 -28.35 -12.75
C ALA A 205 27.43 -29.02 -13.36
N MET A 206 28.17 -28.29 -14.20
CA MET A 206 29.35 -28.85 -14.85
C MET A 206 30.39 -29.29 -13.83
N GLN A 207 30.54 -28.53 -12.75
CA GLN A 207 31.49 -28.91 -11.71
C GLN A 207 31.14 -30.26 -11.10
N ARG A 208 29.86 -30.47 -10.78
CA ARG A 208 29.46 -31.71 -10.10
C ARG A 208 29.73 -32.95 -10.94
N VAL A 209 29.70 -32.83 -12.27
CA VAL A 209 29.89 -33.98 -13.15
C VAL A 209 31.31 -34.04 -13.71
N GLY A 210 32.22 -33.19 -13.23
CA GLY A 210 33.60 -33.20 -13.66
C GLY A 210 33.87 -32.46 -14.95
N ASN A 211 32.87 -31.82 -15.54
CA ASN A 211 33.06 -31.10 -16.80
C ASN A 211 33.91 -29.87 -16.53
N LYS A 212 35.19 -29.93 -16.91
CA LYS A 212 36.19 -28.93 -16.54
C LYS A 212 36.03 -27.60 -17.26
N GLU A 213 34.97 -27.32 -18.01
CA GLU A 213 34.77 -26.01 -18.63
C GLU A 213 33.87 -25.11 -17.79
N ALA A 214 33.50 -25.56 -16.58
CA ALA A 214 32.59 -24.78 -15.73
C ALA A 214 33.16 -23.39 -15.44
N TYR A 215 34.46 -23.30 -15.18
CA TYR A 215 35.03 -22.00 -14.82
C TYR A 215 35.14 -21.07 -16.02
N LYS A 216 35.11 -21.60 -17.24
CA LYS A 216 34.97 -20.75 -18.41
C LYS A 216 33.67 -19.96 -18.36
N TRP A 217 32.59 -20.59 -17.85
CA TRP A 217 31.31 -19.92 -17.73
C TRP A 217 31.25 -18.96 -16.55
N TYR A 218 31.93 -19.28 -15.45
CA TYR A 218 31.99 -18.34 -14.33
C TYR A 218 32.66 -17.04 -14.76
N GLU A 219 33.83 -17.14 -15.43
CA GLU A 219 34.49 -15.94 -15.93
C GLU A 219 33.57 -15.17 -16.86
N LEU A 220 32.81 -15.87 -17.70
CA LEU A 220 31.82 -15.20 -18.53
C LEU A 220 30.81 -14.46 -17.65
N GLY A 221 30.23 -15.14 -16.67
CA GLY A 221 29.34 -14.46 -15.74
C GLY A 221 29.99 -13.24 -15.10
N HIS A 222 31.28 -13.34 -14.78
CA HIS A 222 32.00 -12.18 -14.26
C HIS A 222 32.01 -11.05 -15.29
N LYS A 223 32.26 -11.38 -16.56
CA LYS A 223 32.30 -10.34 -17.59
C LYS A 223 30.95 -9.66 -17.74
N ARG A 224 29.86 -10.39 -17.51
CA ARG A 224 28.52 -9.82 -17.67
C ARG A 224 28.06 -9.05 -16.44
N GLY A 225 28.86 -9.03 -15.38
CA GLY A 225 28.53 -8.28 -14.19
C GLY A 225 27.81 -9.07 -13.10
N HIS A 226 27.61 -10.37 -13.30
CA HIS A 226 26.83 -11.16 -12.35
C HIS A 226 27.63 -11.58 -11.13
N PHE A 227 28.95 -11.77 -11.28
CA PHE A 227 29.81 -12.21 -10.19
C PHE A 227 30.88 -11.16 -9.92
N ALA A 228 31.11 -10.86 -8.64
CA ALA A 228 32.20 -9.95 -8.31
C ALA A 228 33.53 -10.51 -8.79
N SER A 229 33.71 -11.82 -8.69
CA SER A 229 34.89 -12.49 -9.20
C SER A 229 34.48 -13.91 -9.56
N VAL A 230 35.42 -14.63 -10.18
CA VAL A 230 35.18 -16.03 -10.51
C VAL A 230 35.01 -16.86 -9.24
N TRP A 231 35.62 -16.43 -8.13
N TRP A 231 35.62 -16.43 -8.13
CA TRP A 231 35.56 -17.17 -6.88
CA TRP A 231 35.55 -17.19 -6.89
C TRP A 231 34.37 -16.77 -6.02
C TRP A 231 34.36 -16.79 -6.02
N GLN A 232 33.95 -15.53 -6.08
CA GLN A 232 32.89 -14.98 -5.24
C GLN A 232 31.68 -14.79 -6.15
N ARG A 233 30.77 -15.76 -6.10
CA ARG A 233 29.69 -15.87 -7.07
C ARG A 233 28.32 -15.65 -6.44
N SER A 234 28.27 -15.02 -5.27
CA SER A 234 26.99 -14.58 -4.71
C SER A 234 26.31 -13.60 -5.67
N LEU A 235 24.98 -13.55 -5.57
CA LEU A 235 24.14 -12.81 -6.50
C LEU A 235 23.35 -11.68 -5.86
N TYR A 236 23.28 -11.62 -4.53
CA TYR A 236 22.58 -10.56 -3.81
C TYR A 236 23.66 -9.81 -3.03
N ASN A 237 24.21 -8.76 -3.65
CA ASN A 237 25.44 -8.17 -3.17
C ASN A 237 25.29 -6.66 -2.97
N VAL A 238 26.14 -6.14 -2.10
CA VAL A 238 26.41 -4.71 -1.98
C VAL A 238 27.81 -4.49 -2.53
N ASN A 239 27.92 -3.70 -3.60
CA ASN A 239 29.22 -3.54 -4.25
C ASN A 239 30.19 -2.83 -3.31
N GLY A 240 31.48 -3.19 -3.43
CA GLY A 240 32.53 -2.53 -2.70
C GLY A 240 32.87 -3.11 -1.34
N LEU A 241 32.11 -4.10 -0.86
CA LEU A 241 32.45 -4.72 0.41
C LEU A 241 33.77 -5.48 0.27
N LYS A 242 34.66 -5.27 1.23
CA LYS A 242 35.90 -6.02 1.33
C LYS A 242 35.65 -7.49 1.05
N ALA A 243 36.37 -8.04 0.08
CA ALA A 243 36.18 -9.41 -0.40
C ALA A 243 37.44 -10.21 -0.12
N GLN A 244 37.37 -11.11 0.87
CA GLN A 244 38.47 -12.03 1.09
C GLN A 244 37.88 -13.29 1.70
N PRO A 245 38.40 -14.47 1.36
CA PRO A 245 37.72 -15.70 1.79
C PRO A 245 37.83 -15.97 3.29
N TRP A 246 39.00 -15.72 3.89
CA TRP A 246 39.22 -15.95 5.30
C TRP A 246 39.47 -14.64 6.04
N TRP A 247 38.88 -14.51 7.23
CA TRP A 247 39.00 -13.34 8.09
C TRP A 247 39.55 -13.73 9.44
N THR A 248 40.24 -12.79 10.09
CA THR A 248 40.57 -12.92 11.51
C THR A 248 39.55 -12.17 12.35
N PRO A 249 39.39 -12.54 13.62
CA PRO A 249 38.50 -11.77 14.49
C PRO A 249 38.77 -10.27 14.46
N LYS A 250 40.04 -9.88 14.55
CA LYS A 250 40.38 -8.46 14.52
C LYS A 250 39.89 -7.81 13.24
N GLU A 251 40.02 -8.50 12.11
CA GLU A 251 39.60 -7.91 10.84
C GLU A 251 38.10 -7.67 10.79
N THR A 252 37.31 -8.48 11.50
CA THR A 252 35.87 -8.29 11.49
C THR A 252 35.41 -7.19 12.43
N GLY A 253 36.22 -6.89 13.46
CA GLY A 253 35.80 -5.98 14.50
C GLY A 253 34.87 -6.58 15.53
N TYR A 254 34.42 -7.82 15.34
CA TYR A 254 33.47 -8.46 16.24
C TYR A 254 34.21 -9.29 17.29
N THR A 255 35.20 -8.66 17.92
CA THR A 255 36.10 -9.37 18.81
C THR A 255 35.43 -9.79 20.10
N GLU A 256 34.46 -9.01 20.58
CA GLU A 256 33.76 -9.41 21.80
C GLU A 256 32.87 -10.62 21.54
N LEU A 257 32.23 -10.69 20.37
CA LEU A 257 31.44 -11.85 20.03
C LEU A 257 32.32 -13.11 19.94
N VAL A 258 33.46 -12.98 19.26
CA VAL A 258 34.37 -14.13 19.13
C VAL A 258 34.82 -14.59 20.52
N LYS A 259 35.16 -13.64 21.40
CA LYS A 259 35.56 -13.99 22.76
C LYS A 259 34.44 -14.69 23.53
N SER A 260 33.21 -14.20 23.39
N SER A 260 33.21 -14.20 23.40
CA SER A 260 32.10 -14.83 24.09
CA SER A 260 32.09 -14.84 24.09
C SER A 260 31.87 -16.26 23.60
C SER A 260 31.88 -16.26 23.59
N LEU A 261 31.98 -16.47 22.28
CA LEU A 261 31.82 -17.80 21.73
C LEU A 261 32.88 -18.75 22.26
N GLU A 262 34.15 -18.33 22.20
CA GLU A 262 35.23 -19.22 22.63
C GLU A 262 35.24 -19.42 24.13
N ARG A 263 34.99 -18.35 24.90
CA ARG A 263 35.05 -18.48 26.36
C ARG A 263 33.91 -19.36 26.89
N ASN A 264 32.75 -19.37 26.23
CA ASN A 264 31.58 -20.11 26.68
C ASN A 264 31.33 -21.35 25.84
N TRP A 265 32.36 -21.86 25.17
CA TRP A 265 32.15 -22.89 24.15
C TRP A 265 31.63 -24.19 24.74
N LYS A 266 32.02 -24.55 25.97
CA LYS A 266 31.52 -25.82 26.52
C LYS A 266 30.04 -25.75 26.83
N LEU A 267 29.55 -24.59 27.28
CA LEU A 267 28.14 -24.40 27.52
C LEU A 267 27.34 -24.50 26.21
N ILE A 268 27.83 -23.86 25.15
CA ILE A 268 27.19 -23.95 23.84
C ILE A 268 27.16 -25.40 23.36
N ARG A 269 28.29 -26.09 23.48
CA ARG A 269 28.35 -27.51 23.12
C ARG A 269 27.31 -28.33 23.87
N ASP A 270 27.31 -28.22 25.20
CA ASP A 270 26.50 -29.13 26.00
C ASP A 270 25.03 -28.95 25.71
N GLU A 271 24.60 -27.71 25.45
CA GLU A 271 23.20 -27.50 25.08
C GLU A 271 22.89 -28.11 23.72
N GLY A 272 23.79 -27.97 22.75
CA GLY A 272 23.59 -28.61 21.46
C GLY A 272 23.55 -30.12 21.55
N LEU A 273 24.47 -30.70 22.32
CA LEU A 273 24.45 -32.14 22.54
C LEU A 273 23.18 -32.58 23.25
N ALA A 274 22.71 -31.80 24.22
CA ALA A 274 21.47 -32.17 24.91
C ALA A 274 20.30 -32.24 23.93
N VAL A 275 20.27 -31.33 22.95
CA VAL A 275 19.20 -31.39 21.95
C VAL A 275 19.35 -32.63 21.08
N MET A 276 20.58 -32.92 20.62
CA MET A 276 20.81 -34.16 19.91
C MET A 276 20.27 -35.35 20.70
N ASP A 277 20.60 -35.38 21.99
CA ASP A 277 20.31 -36.56 22.80
C ASP A 277 18.82 -36.78 22.97
N LYS A 278 18.05 -35.70 23.15
CA LYS A 278 16.59 -35.86 23.22
C LYS A 278 16.05 -36.50 21.95
N ALA A 279 16.72 -36.31 20.83
CA ALA A 279 16.37 -36.99 19.58
C ALA A 279 14.92 -36.73 19.17
N LYS A 280 14.49 -35.48 19.32
CA LYS A 280 13.26 -35.04 18.67
C LYS A 280 13.62 -34.68 17.23
N GLY A 281 12.79 -33.88 16.59
CA GLY A 281 13.06 -33.55 15.20
C GLY A 281 13.80 -32.24 15.00
N LEU A 282 14.49 -31.76 16.05
CA LEU A 282 14.97 -30.39 16.01
C LEU A 282 16.16 -30.22 15.08
N PHE A 283 16.99 -31.24 14.92
CA PHE A 283 18.08 -31.21 13.95
C PHE A 283 17.51 -31.66 12.61
N LEU A 284 17.49 -30.77 11.61
CA LEU A 284 16.87 -31.06 10.33
C LEU A 284 17.92 -31.37 9.28
N PRO A 285 17.73 -32.42 8.47
CA PRO A 285 18.68 -32.69 7.38
C PRO A 285 18.82 -31.50 6.47
N GLU A 286 20.05 -31.26 6.00
CA GLU A 286 20.28 -30.23 4.99
C GLU A 286 19.44 -30.57 3.76
N ASP A 287 18.76 -29.56 3.21
CA ASP A 287 17.78 -29.80 2.16
C ASP A 287 17.98 -28.86 0.97
N GLU A 288 19.22 -28.48 0.69
CA GLU A 288 19.53 -27.62 -0.44
C GLU A 288 20.32 -28.36 -1.52
N ASN A 289 20.33 -29.69 -1.48
CA ASN A 289 21.01 -30.51 -2.47
C ASN A 289 22.52 -30.24 -2.51
N LEU A 290 23.12 -29.94 -1.37
CA LEU A 290 24.55 -29.63 -1.33
C LEU A 290 25.43 -30.82 -0.99
N ARG A 291 24.86 -31.97 -0.70
CA ARG A 291 25.62 -33.16 -0.30
C ARG A 291 25.84 -34.07 -1.49
N GLU A 292 27.10 -34.46 -1.72
CA GLU A 292 27.37 -35.58 -2.62
C GLU A 292 26.98 -36.89 -1.94
N LYS A 293 27.21 -36.99 -0.64
CA LYS A 293 26.96 -38.20 0.14
C LYS A 293 27.07 -37.82 1.61
N GLY A 294 26.54 -38.69 2.45
CA GLY A 294 26.72 -38.54 3.88
C GLY A 294 25.52 -37.92 4.56
N ASP A 295 25.75 -37.54 5.82
CA ASP A 295 24.71 -37.14 6.75
C ASP A 295 25.08 -35.79 7.36
N TRP A 296 24.20 -34.80 7.18
CA TRP A 296 24.45 -33.42 7.62
C TRP A 296 23.11 -32.84 8.03
N SER A 297 23.01 -32.38 9.27
N SER A 297 23.01 -32.38 9.27
CA SER A 297 21.78 -31.83 9.82
CA SER A 297 21.77 -31.83 9.80
C SER A 297 22.10 -30.57 10.62
C SER A 297 22.09 -30.59 10.64
N GLN A 298 21.09 -29.72 10.78
CA GLN A 298 21.28 -28.42 11.39
C GLN A 298 20.12 -28.08 12.30
N PHE A 299 20.44 -27.46 13.43
CA PHE A 299 19.49 -27.03 14.46
C PHE A 299 19.59 -25.52 14.58
N THR A 300 18.57 -24.82 14.09
CA THR A 300 18.65 -23.37 13.89
C THR A 300 17.97 -22.61 15.03
N LEU A 301 18.70 -21.65 15.60
CA LEU A 301 18.22 -20.78 16.67
C LEU A 301 17.69 -19.45 16.14
N TRP A 302 18.36 -18.89 15.13
CA TRP A 302 17.96 -17.64 14.48
C TRP A 302 17.99 -17.86 12.97
N GLN A 303 17.04 -17.24 12.27
CA GLN A 303 17.13 -17.13 10.82
C GLN A 303 16.48 -15.81 10.40
N GLN A 304 17.08 -15.15 9.43
CA GLN A 304 16.59 -13.86 8.93
C GLN A 304 16.36 -12.88 10.09
N GLY A 305 17.25 -12.91 11.08
CA GLY A 305 17.13 -12.03 12.21
C GLY A 305 15.98 -12.33 13.12
N ARG A 306 15.34 -13.48 12.98
CA ARG A 306 14.16 -13.88 13.75
C ARG A 306 14.56 -15.03 14.65
N ARG A 307 14.35 -14.87 15.95
CA ARG A 307 14.66 -15.90 16.93
C ARG A 307 13.62 -17.00 16.89
N ASN A 308 14.08 -18.25 16.82
N ASN A 308 14.08 -18.25 16.80
CA ASN A 308 13.19 -19.41 16.85
CA ASN A 308 13.18 -19.41 16.84
C ASN A 308 12.97 -19.75 18.32
C ASN A 308 12.97 -19.75 18.32
N GLU A 309 11.81 -19.35 18.85
CA GLU A 309 11.60 -19.45 20.29
C GLU A 309 11.58 -20.90 20.75
N ASN A 310 10.97 -21.79 19.98
CA ASN A 310 10.96 -23.18 20.38
C ASN A 310 12.37 -23.76 20.38
N ALA A 311 13.15 -23.47 19.33
CA ALA A 311 14.54 -23.91 19.32
C ALA A 311 15.28 -23.39 20.55
N CYS A 312 15.05 -22.13 20.91
CA CYS A 312 15.79 -21.55 22.02
C CYS A 312 15.40 -22.17 23.36
N LYS A 313 14.25 -22.82 23.43
CA LYS A 313 13.92 -23.57 24.63
C LYS A 313 14.87 -24.74 24.84
N GLY A 314 15.43 -25.29 23.75
CA GLY A 314 16.39 -26.37 23.87
C GLY A 314 17.81 -25.93 24.12
N ALA A 315 18.13 -24.65 23.85
CA ALA A 315 19.45 -24.10 24.13
C ALA A 315 19.27 -22.72 24.74
N PRO A 316 18.64 -22.65 25.91
CA PRO A 316 18.21 -21.35 26.45
C PRO A 316 19.36 -20.46 26.88
N LYS A 317 20.46 -21.02 27.40
CA LYS A 317 21.57 -20.18 27.81
C LYS A 317 22.35 -19.66 26.62
N THR A 318 22.53 -20.51 25.60
CA THR A 318 23.16 -20.10 24.37
C THR A 318 22.39 -18.95 23.71
N CYS A 319 21.05 -19.03 23.70
CA CYS A 319 20.26 -17.96 23.11
C CYS A 319 20.33 -16.69 23.95
N THR A 320 20.31 -16.83 25.29
CA THR A 320 20.46 -15.66 26.15
C THR A 320 21.82 -15.01 25.94
N LEU A 321 22.85 -15.84 25.80
CA LEU A 321 24.20 -15.33 25.57
C LEU A 321 24.27 -14.51 24.29
N LEU A 322 23.65 -14.99 23.22
CA LEU A 322 23.78 -14.34 21.92
C LEU A 322 23.00 -13.03 21.82
N GLU A 323 21.99 -12.83 22.67
CA GLU A 323 21.19 -11.61 22.58
C GLU A 323 22.04 -10.36 22.77
N LYS A 324 23.19 -10.48 23.43
CA LYS A 324 24.08 -9.34 23.61
C LYS A 324 24.67 -8.83 22.30
N PHE A 325 24.53 -9.57 21.20
CA PHE A 325 25.25 -9.28 19.96
C PHE A 325 24.27 -9.12 18.81
N PRO A 326 23.67 -7.93 18.67
CA PRO A 326 22.80 -7.67 17.51
C PRO A 326 23.48 -7.89 16.17
N GLU A 327 24.81 -7.83 16.11
CA GLU A 327 25.50 -8.05 14.84
C GLU A 327 25.23 -9.43 14.26
N THR A 328 24.82 -10.39 15.10
CA THR A 328 24.36 -11.68 14.62
C THR A 328 22.87 -11.90 14.80
N THR A 329 22.29 -11.55 15.95
CA THR A 329 20.87 -11.83 16.13
C THR A 329 20.02 -11.01 15.17
N GLY A 330 20.50 -9.83 14.79
CA GLY A 330 19.83 -9.00 13.80
C GLY A 330 20.40 -9.13 12.39
N CYS A 331 21.18 -10.18 12.11
CA CYS A 331 21.67 -10.38 10.74
C CYS A 331 20.57 -11.05 9.95
N ARG A 332 19.76 -10.24 9.27
N ARG A 332 19.77 -10.23 9.26
CA ARG A 332 18.63 -10.76 8.52
CA ARG A 332 18.63 -10.75 8.51
C ARG A 332 19.03 -11.47 7.25
C ARG A 332 19.04 -11.48 7.25
N ARG A 333 20.33 -11.53 6.92
CA ARG A 333 20.84 -12.32 5.81
C ARG A 333 21.72 -13.46 6.32
N GLY A 334 21.39 -14.00 7.48
CA GLY A 334 22.16 -15.11 8.03
C GLY A 334 21.34 -15.87 9.04
N GLN A 335 21.99 -16.86 9.65
CA GLN A 335 21.36 -17.68 10.67
C GLN A 335 22.34 -17.86 11.84
N ILE A 336 21.83 -18.48 12.90
CA ILE A 336 22.62 -19.01 14.00
C ILE A 336 22.16 -20.45 14.18
N LYS A 337 23.07 -21.40 14.07
CA LYS A 337 22.65 -22.81 14.14
C LYS A 337 23.81 -23.73 14.51
N TYR A 338 23.45 -24.86 15.11
CA TYR A 338 24.36 -25.98 15.22
C TYR A 338 24.34 -26.80 13.96
N SER A 339 25.49 -27.38 13.62
CA SER A 339 25.61 -28.22 12.44
C SER A 339 26.37 -29.48 12.82
N ILE A 340 25.73 -30.65 12.65
CA ILE A 340 26.36 -31.93 12.88
C ILE A 340 26.56 -32.63 11.54
N MET A 341 27.74 -33.22 11.39
CA MET A 341 28.12 -33.93 10.19
C MET A 341 28.77 -35.25 10.61
N HIS A 342 28.39 -36.34 9.94
CA HIS A 342 28.87 -37.66 10.30
C HIS A 342 29.87 -38.17 9.28
N PRO A 343 30.59 -39.25 9.60
CA PRO A 343 31.61 -39.76 8.68
C PRO A 343 31.03 -40.17 7.34
N GLY A 344 31.88 -40.08 6.31
CA GLY A 344 31.47 -40.36 4.96
C GLY A 344 30.63 -39.27 4.32
N THR A 345 30.87 -38.01 4.68
CA THR A 345 30.13 -36.89 4.11
C THR A 345 31.05 -36.02 3.26
N HIS A 346 30.59 -35.64 2.08
CA HIS A 346 31.26 -34.66 1.24
C HIS A 346 30.21 -33.66 0.78
N VAL A 347 30.48 -32.38 1.03
CA VAL A 347 29.61 -31.29 0.60
C VAL A 347 30.20 -30.70 -0.67
N TRP A 348 29.39 -30.61 -1.71
CA TRP A 348 29.83 -30.06 -2.98
C TRP A 348 30.40 -28.66 -2.79
N PRO A 349 31.38 -28.27 -3.59
CA PRO A 349 31.74 -26.84 -3.69
C PRO A 349 30.48 -26.03 -3.96
N HIS A 350 30.32 -24.94 -3.22
CA HIS A 350 29.12 -24.13 -3.36
C HIS A 350 29.40 -22.74 -2.81
N THR A 351 28.46 -21.85 -3.08
CA THR A 351 28.52 -20.45 -2.67
C THR A 351 27.21 -20.08 -2.00
N GLY A 352 27.30 -19.21 -1.02
CA GLY A 352 26.12 -18.63 -0.43
C GLY A 352 25.50 -17.56 -1.31
N PRO A 353 24.29 -17.12 -0.93
CA PRO A 353 23.55 -16.21 -1.79
C PRO A 353 24.01 -14.76 -1.77
N THR A 354 24.72 -14.31 -0.74
CA THR A 354 24.95 -12.89 -0.53
C THR A 354 26.36 -12.64 -0.05
N ASN A 355 26.88 -11.46 -0.37
CA ASN A 355 28.18 -11.03 0.14
C ASN A 355 28.06 -10.15 1.38
N CYS A 356 26.84 -10.02 1.92
CA CYS A 356 26.56 -9.13 3.05
C CYS A 356 26.73 -9.81 4.40
N ARG A 357 27.24 -11.03 4.46
CA ARG A 357 27.46 -11.71 5.72
C ARG A 357 28.83 -12.37 5.72
N LEU A 358 29.34 -12.57 6.93
CA LEU A 358 30.45 -13.48 7.19
C LEU A 358 29.93 -14.58 8.10
N ARG A 359 30.59 -15.75 8.06
CA ARG A 359 30.19 -16.90 8.87
C ARG A 359 31.28 -17.22 9.88
N MET A 360 30.92 -17.26 11.16
CA MET A 360 31.79 -17.79 12.21
C MET A 360 31.44 -19.24 12.49
N HIS A 361 32.47 -20.09 12.51
CA HIS A 361 32.35 -21.49 12.92
C HIS A 361 33.09 -21.69 14.24
N LEU A 362 32.37 -22.13 15.26
CA LEU A 362 32.97 -22.49 16.54
C LEU A 362 33.01 -24.02 16.65
N GLY A 363 34.21 -24.57 16.86
CA GLY A 363 34.31 -26.01 17.01
C GLY A 363 33.73 -26.46 18.35
N LEU A 364 32.88 -27.48 18.33
CA LEU A 364 32.32 -27.99 19.57
C LEU A 364 32.75 -29.44 19.82
N VAL A 365 32.63 -30.30 18.82
CA VAL A 365 33.12 -31.67 18.90
C VAL A 365 33.83 -31.94 17.59
N ILE A 366 35.15 -31.99 17.63
CA ILE A 366 35.95 -32.15 16.41
C ILE A 366 36.83 -33.39 16.56
N PRO A 367 36.56 -34.45 15.81
CA PRO A 367 37.48 -35.59 15.78
C PRO A 367 38.90 -35.14 15.43
N LYS A 368 39.88 -35.88 15.95
CA LYS A 368 41.27 -35.48 15.78
C LYS A 368 41.66 -35.36 14.32
N GLU A 369 41.07 -36.17 13.43
CA GLU A 369 41.38 -36.06 12.01
C GLU A 369 40.14 -36.33 11.18
N GLY A 370 40.22 -35.97 9.88
CA GLY A 370 39.21 -36.30 8.91
C GLY A 370 38.25 -35.19 8.53
N CYS A 371 38.25 -34.07 9.25
CA CYS A 371 37.33 -32.97 8.99
C CYS A 371 38.08 -31.77 8.45
N LYS A 372 37.67 -31.29 7.27
CA LYS A 372 38.33 -30.23 6.52
C LYS A 372 37.27 -29.28 5.95
N ILE A 373 37.62 -28.00 5.84
CA ILE A 373 36.83 -27.05 5.08
C ILE A 373 37.79 -26.23 4.21
N ARG A 374 37.52 -26.20 2.92
CA ARG A 374 38.22 -25.34 1.99
C ARG A 374 37.35 -24.14 1.65
N CYS A 375 37.95 -22.96 1.62
CA CYS A 375 37.34 -21.76 1.07
C CYS A 375 38.36 -21.17 0.11
N ALA A 376 37.97 -21.02 -1.15
CA ALA A 376 38.85 -20.47 -2.20
C ALA A 376 40.06 -21.38 -2.31
N ASN A 377 41.29 -20.90 -2.11
N ASN A 377 41.29 -20.89 -2.13
CA ASN A 377 42.49 -21.67 -2.32
CA ASN A 377 42.49 -21.70 -2.33
C ASN A 377 43.09 -22.23 -1.04
C ASN A 377 43.13 -22.11 -1.01
N GLU A 378 42.40 -22.07 0.10
CA GLU A 378 42.95 -22.41 1.40
C GLU A 378 42.03 -23.39 2.12
N THR A 379 42.62 -24.48 2.61
CA THR A 379 41.91 -25.51 3.36
C THR A 379 42.33 -25.45 4.82
N LYS A 380 41.34 -25.41 5.71
CA LYS A 380 41.58 -25.32 7.14
C LYS A 380 40.78 -26.39 7.86
N THR A 381 41.02 -26.50 9.16
CA THR A 381 40.29 -27.44 10.00
C THR A 381 39.77 -26.70 11.22
N TRP A 382 38.78 -27.30 11.87
CA TRP A 382 38.21 -26.76 13.08
C TRP A 382 39.01 -27.21 14.30
N GLU A 383 38.83 -26.49 15.39
CA GLU A 383 39.37 -26.86 16.69
C GLU A 383 38.30 -26.58 17.73
N GLU A 384 38.22 -27.46 18.71
CA GLU A 384 37.23 -27.31 19.77
C GLU A 384 37.50 -26.04 20.56
N GLY A 385 36.46 -25.23 20.75
CA GLY A 385 36.60 -23.98 21.47
C GLY A 385 37.21 -22.84 20.70
N LYS A 386 37.47 -22.99 19.41
CA LYS A 386 38.06 -21.93 18.59
C LYS A 386 37.11 -21.54 17.46
N VAL A 387 37.21 -20.28 17.03
CA VAL A 387 36.35 -19.72 16.00
C VAL A 387 37.15 -19.59 14.71
N LEU A 388 36.59 -20.08 13.62
CA LEU A 388 37.00 -19.79 12.25
C LEU A 388 36.02 -18.81 11.64
N ILE A 389 36.51 -17.95 10.74
CA ILE A 389 35.67 -16.96 10.07
C ILE A 389 35.99 -16.96 8.59
N PHE A 390 34.97 -17.14 7.76
CA PHE A 390 35.14 -17.08 6.31
C PHE A 390 33.93 -16.39 5.68
N ASP A 391 34.12 -15.96 4.44
CA ASP A 391 33.08 -15.35 3.63
C ASP A 391 32.50 -16.44 2.74
N ASP A 392 31.28 -16.89 3.03
CA ASP A 392 30.74 -18.03 2.31
C ASP A 392 30.17 -17.64 0.95
N SER A 393 30.31 -16.37 0.54
CA SER A 393 30.09 -16.01 -0.85
C SER A 393 31.23 -16.46 -1.75
N PHE A 394 32.37 -16.86 -1.19
CA PHE A 394 33.40 -17.53 -1.94
C PHE A 394 33.10 -19.03 -1.99
N GLU A 395 33.50 -19.67 -3.07
CA GLU A 395 33.29 -21.10 -3.20
C GLU A 395 33.96 -21.80 -2.02
N HIS A 396 33.23 -22.69 -1.37
CA HIS A 396 33.77 -23.45 -0.24
C HIS A 396 33.24 -24.89 -0.31
N GLU A 397 33.90 -25.78 0.43
CA GLU A 397 33.73 -27.21 0.27
C GLU A 397 34.16 -27.90 1.57
N VAL A 398 33.45 -28.96 1.95
CA VAL A 398 33.66 -29.58 3.25
C VAL A 398 33.73 -31.09 3.11
N TRP A 399 34.58 -31.71 3.92
CA TRP A 399 34.74 -33.15 3.97
C TRP A 399 34.61 -33.60 5.42
N GLN A 400 34.08 -34.82 5.61
CA GLN A 400 34.01 -35.44 6.93
C GLN A 400 34.43 -36.89 6.70
N ASP A 401 35.74 -37.16 6.83
N ASP A 401 35.74 -37.14 6.82
CA ASP A 401 36.28 -38.51 6.70
CA ASP A 401 36.32 -38.47 6.68
C ASP A 401 36.84 -38.98 8.03
C ASP A 401 36.86 -38.96 8.03
N ALA A 402 36.15 -38.63 9.12
CA ALA A 402 36.57 -39.00 10.46
C ALA A 402 35.89 -40.29 10.89
N SER A 403 36.09 -40.68 12.14
N SER A 403 36.11 -40.69 12.14
CA SER A 403 35.56 -41.92 12.69
CA SER A 403 35.58 -41.93 12.70
C SER A 403 34.37 -41.72 13.61
C SER A 403 34.38 -41.71 13.62
N SER A 404 33.96 -40.48 13.84
CA SER A 404 32.82 -40.20 14.71
C SER A 404 32.26 -38.84 14.30
N PHE A 405 31.20 -38.41 15.01
CA PHE A 405 30.46 -37.24 14.58
C PHE A 405 31.23 -35.96 14.86
N ARG A 406 30.92 -34.92 14.07
CA ARG A 406 31.53 -33.61 14.17
C ARG A 406 30.43 -32.57 14.36
N LEU A 407 30.55 -31.76 15.41
CA LEU A 407 29.56 -30.75 15.75
C LEU A 407 30.22 -29.38 15.79
N ILE A 408 29.64 -28.41 15.09
CA ILE A 408 30.09 -27.02 15.14
C ILE A 408 28.90 -26.12 15.40
N PHE A 409 29.19 -24.87 15.74
CA PHE A 409 28.21 -23.82 15.94
C PHE A 409 28.49 -22.73 14.91
N ILE A 410 27.46 -22.32 14.18
CA ILE A 410 27.60 -21.39 13.05
C ILE A 410 26.88 -20.11 13.40
N VAL A 411 27.60 -18.99 13.40
CA VAL A 411 27.08 -17.69 13.80
C VAL A 411 27.37 -16.73 12.65
N ASP A 412 26.32 -16.28 11.98
CA ASP A 412 26.47 -15.33 10.88
C ASP A 412 26.46 -13.90 11.39
N VAL A 413 27.32 -13.07 10.82
CA VAL A 413 27.33 -11.65 11.13
C VAL A 413 27.24 -10.83 9.86
N TRP A 414 26.67 -9.64 9.99
CA TRP A 414 26.74 -8.65 8.93
C TRP A 414 28.20 -8.38 8.56
N HIS A 415 28.46 -8.25 7.26
CA HIS A 415 29.76 -7.79 6.82
C HIS A 415 30.08 -6.47 7.51
N PRO A 416 31.27 -6.31 8.09
CA PRO A 416 31.50 -5.16 8.99
C PRO A 416 31.38 -3.79 8.31
N GLU A 417 31.58 -3.70 7.01
CA GLU A 417 31.51 -2.40 6.35
C GLU A 417 30.10 -1.97 6.00
N LEU A 418 29.09 -2.78 6.32
CA LEU A 418 27.70 -2.37 6.09
C LEU A 418 27.30 -1.35 7.13
N THR A 419 26.67 -0.26 6.68
CA THR A 419 26.24 0.80 7.57
C THR A 419 25.01 0.37 8.36
N PRO A 420 24.69 1.11 9.44
CA PRO A 420 23.44 0.82 10.16
C PRO A 420 22.21 0.90 9.27
N GLN A 421 22.14 1.87 8.37
CA GLN A 421 20.99 1.98 7.49
C GLN A 421 20.90 0.76 6.56
N GLN A 422 22.04 0.33 6.01
CA GLN A 422 22.03 -0.85 5.16
C GLN A 422 21.58 -2.08 5.93
N ARG A 423 21.98 -2.18 7.21
CA ARG A 423 21.59 -3.34 8.00
C ARG A 423 20.10 -3.32 8.33
N ARG A 424 19.50 -2.13 8.37
CA ARG A 424 18.08 -2.03 8.62
C ARG A 424 17.24 -2.20 7.35
N SER A 425 17.80 -1.93 6.17
CA SER A 425 17.01 -1.84 4.96
C SER A 425 17.19 -3.01 4.00
N LEU A 426 18.30 -3.71 4.04
CA LEU A 426 18.52 -4.79 3.08
C LEU A 426 17.42 -5.84 3.20
N PRO A 427 16.83 -6.28 2.09
CA PRO A 427 15.88 -7.38 2.15
C PRO A 427 16.48 -8.62 2.80
N ALA A 428 15.67 -9.27 3.63
CA ALA A 428 16.10 -10.49 4.30
C ALA A 428 16.39 -11.61 3.30
N ILE A 429 17.40 -12.42 3.59
CA ILE A 429 17.71 -13.59 2.78
C ILE A 429 17.87 -14.79 3.72
N GLY B 14 10.53 -21.82 0.24
CA GLY B 14 11.93 -22.18 0.43
C GLY B 14 12.85 -20.98 0.56
N LYS B 15 13.94 -21.14 1.31
CA LYS B 15 14.87 -20.06 1.57
C LYS B 15 16.28 -20.44 1.12
N CYS B 16 17.04 -19.43 0.76
CA CYS B 16 18.45 -19.57 0.41
C CYS B 16 19.26 -19.39 1.69
N LYS B 17 19.71 -20.51 2.27
CA LYS B 17 20.46 -20.51 3.51
C LYS B 17 21.96 -20.67 3.25
N ASP B 18 22.36 -21.82 2.74
N ASP B 18 22.36 -21.84 2.74
CA ASP B 18 23.75 -22.06 2.36
CA ASP B 18 23.74 -22.07 2.35
C ASP B 18 24.00 -21.92 0.86
C ASP B 18 23.99 -21.90 0.87
N GLY B 19 22.95 -21.90 0.04
CA GLY B 19 23.13 -21.81 -1.40
C GLY B 19 22.12 -20.94 -2.11
N LEU B 20 22.05 -21.07 -3.43
CA LEU B 20 21.17 -20.27 -4.27
C LEU B 20 20.21 -21.18 -5.00
N GLY B 21 19.43 -21.96 -4.23
CA GLY B 21 18.59 -22.96 -4.83
C GLY B 21 17.26 -22.44 -5.33
N GLU B 22 16.73 -21.42 -4.68
CA GLU B 22 15.41 -20.92 -5.05
C GLU B 22 15.52 -20.00 -6.26
N TYR B 23 14.43 -19.93 -7.02
CA TYR B 23 14.41 -19.01 -8.15
C TYR B 23 14.75 -17.60 -7.70
N THR B 24 14.20 -17.17 -6.56
CA THR B 24 14.53 -15.89 -5.96
C THR B 24 14.69 -16.08 -4.46
N CYS B 25 15.63 -15.34 -3.87
CA CYS B 25 15.96 -15.50 -2.46
C CYS B 25 15.38 -14.41 -1.57
N THR B 26 14.69 -13.43 -2.14
CA THR B 26 14.11 -12.34 -1.37
C THR B 26 12.61 -12.27 -1.61
N SER B 27 11.92 -11.65 -0.65
CA SER B 27 10.46 -11.50 -0.67
C SER B 27 10.15 -10.01 -0.74
N LEU B 28 9.94 -9.52 -1.96
CA LEU B 28 9.73 -8.09 -2.18
C LEU B 28 8.35 -7.64 -1.70
N GLU B 29 8.26 -6.36 -1.32
CA GLU B 29 7.05 -5.80 -0.72
C GLU B 29 6.74 -4.43 -1.31
N GLY B 30 6.91 -4.26 -2.61
CA GLY B 30 6.51 -3.00 -3.24
C GLY B 30 7.49 -1.87 -2.92
N PHE B 31 6.93 -0.69 -2.67
CA PHE B 31 7.76 0.45 -2.33
C PHE B 31 8.18 0.37 -0.86
N PRO C 2 -13.04 -7.03 28.90
CA PRO C 2 -13.21 -7.47 30.29
C PRO C 2 -12.65 -8.87 30.54
N LYS C 3 -13.26 -9.90 29.97
CA LYS C 3 -12.80 -11.28 30.13
C LYS C 3 -11.66 -11.54 29.15
N LEU C 4 -10.43 -11.24 29.60
CA LEU C 4 -9.25 -11.30 28.75
C LEU C 4 -8.37 -12.52 29.01
N LEU C 5 -8.65 -13.32 30.03
CA LEU C 5 -7.77 -14.39 30.46
C LEU C 5 -8.48 -15.74 30.34
N ASN C 6 -7.83 -16.67 29.64
CA ASN C 6 -8.32 -18.04 29.56
C ASN C 6 -7.81 -18.81 30.78
N LYS C 7 -7.97 -20.13 30.79
CA LYS C 7 -7.66 -20.92 31.97
C LYS C 7 -6.19 -20.78 32.35
N PHE C 8 -5.27 -21.11 31.43
CA PHE C 8 -3.85 -21.01 31.73
C PHE C 8 -3.47 -19.59 32.14
N ASP C 9 -3.94 -18.59 31.40
CA ASP C 9 -3.59 -17.21 31.73
C ASP C 9 -4.03 -16.84 33.13
N LYS C 10 -5.10 -17.44 33.64
CA LYS C 10 -5.48 -17.24 35.03
C LYS C 10 -4.44 -17.80 35.99
N THR C 11 -3.67 -18.81 35.55
CA THR C 11 -2.66 -19.43 36.40
C THR C 11 -1.41 -18.56 36.54
N ILE C 12 -1.11 -17.75 35.53
CA ILE C 12 0.04 -16.86 35.55
C ILE C 12 -0.40 -15.41 35.68
N LYS C 13 -1.63 -15.17 36.15
CA LYS C 13 -2.17 -13.82 36.24
C LYS C 13 -1.23 -12.88 36.98
N ALA C 14 -0.42 -13.40 37.91
CA ALA C 14 0.49 -12.57 38.67
C ALA C 14 1.61 -12.04 37.80
N GLU C 15 2.21 -12.91 36.98
CA GLU C 15 3.24 -12.45 36.05
C GLU C 15 2.64 -11.49 35.02
N LEU C 16 1.45 -11.82 34.51
CA LEU C 16 0.81 -10.96 33.51
C LEU C 16 0.50 -9.59 34.08
N ASP C 17 -0.10 -9.54 35.28
CA ASP C 17 -0.46 -8.26 35.88
C ASP C 17 0.78 -7.44 36.20
N ALA C 18 1.84 -8.10 36.68
CA ALA C 18 3.11 -7.40 36.90
C ALA C 18 3.57 -6.70 35.63
N ALA C 19 3.58 -7.42 34.50
CA ALA C 19 4.05 -6.85 33.26
C ALA C 19 3.26 -5.61 32.87
N GLU C 20 1.93 -5.65 33.04
CA GLU C 20 1.11 -4.51 32.67
C GLU C 20 1.36 -3.31 33.59
N LYS C 21 1.68 -3.55 34.86
CA LYS C 21 2.03 -2.46 35.75
C LYS C 21 3.08 -1.54 35.11
N LEU C 22 4.18 -2.14 34.63
CA LEU C 22 5.20 -1.36 33.94
C LEU C 22 4.61 -0.53 32.82
N ARG C 23 3.74 -1.15 32.00
CA ARG C 23 3.14 -0.44 30.88
C ARG C 23 2.31 0.75 31.37
N LYS C 24 1.31 0.48 32.21
CA LYS C 24 0.45 1.54 32.72
C LYS C 24 1.26 2.63 33.40
N ARG C 25 2.23 2.24 34.23
CA ARG C 25 3.11 3.23 34.86
C ARG C 25 3.80 4.09 33.80
N GLY C 26 4.20 3.49 32.69
CA GLY C 26 4.74 4.23 31.57
C GLY C 26 6.16 3.90 31.21
N LYS C 27 6.66 2.77 31.72
CA LYS C 27 8.01 2.31 31.38
C LYS C 27 7.94 1.34 30.19
N ILE C 28 7.42 1.85 29.07
CA ILE C 28 7.10 1.00 27.94
C ILE C 28 8.32 0.22 27.47
N GLU C 29 9.47 0.89 27.37
CA GLU C 29 10.68 0.19 26.95
C GLU C 29 10.97 -0.98 27.88
N GLU C 30 10.75 -0.79 29.18
CA GLU C 30 10.89 -1.90 30.12
C GLU C 30 9.72 -2.87 30.01
N ALA C 31 8.52 -2.35 29.76
CA ALA C 31 7.35 -3.22 29.64
C ALA C 31 7.48 -4.15 28.44
N VAL C 32 8.00 -3.63 27.32
CA VAL C 32 8.25 -4.48 26.16
C VAL C 32 9.13 -5.66 26.57
N ASN C 33 10.26 -5.36 27.22
CA ASN C 33 11.14 -6.42 27.70
C ASN C 33 10.41 -7.39 28.61
N ALA C 34 9.50 -6.88 29.45
CA ALA C 34 8.75 -7.75 30.35
C ALA C 34 7.89 -8.73 29.56
N PHE C 35 7.13 -8.23 28.59
CA PHE C 35 6.26 -9.10 27.80
C PHE C 35 7.07 -9.95 26.83
N LYS C 36 8.16 -9.42 26.29
CA LYS C 36 9.05 -10.23 25.47
C LYS C 36 9.44 -11.51 26.19
N GLU C 37 9.90 -11.39 27.44
CA GLU C 37 10.28 -12.54 28.24
C GLU C 37 9.09 -13.40 28.61
N LEU C 38 7.88 -12.84 28.63
CA LEU C 38 6.70 -13.60 29.01
C LEU C 38 6.16 -14.42 27.84
N VAL C 39 6.23 -13.88 26.61
N VAL C 39 6.23 -13.89 26.61
CA VAL C 39 5.84 -14.68 25.45
CA VAL C 39 5.83 -14.68 25.46
C VAL C 39 6.90 -15.70 25.11
C VAL C 39 6.91 -15.71 25.12
N ARG C 40 8.18 -15.41 25.40
CA ARG C 40 9.22 -16.42 25.28
C ARG C 40 9.01 -17.54 26.29
N LYS C 41 8.63 -17.18 27.52
CA LYS C 41 8.36 -18.17 28.54
C LYS C 41 7.05 -18.90 28.28
N TYR C 42 6.06 -18.21 27.70
CA TYR C 42 4.72 -18.76 27.48
C TYR C 42 4.32 -18.50 26.03
N PRO C 43 4.75 -19.36 25.10
CA PRO C 43 4.33 -19.18 23.70
C PRO C 43 2.83 -19.35 23.49
N GLN C 44 2.17 -20.08 24.37
CA GLN C 44 0.74 -20.35 24.26
C GLN C 44 -0.12 -19.18 24.73
N SER C 45 0.43 -18.28 25.53
CA SER C 45 -0.36 -17.30 26.28
C SER C 45 -0.99 -16.25 25.38
N PRO C 46 -2.31 -16.19 25.27
CA PRO C 46 -2.93 -15.06 24.54
C PRO C 46 -2.62 -13.72 25.18
N ARG C 47 -2.78 -13.61 26.50
CA ARG C 47 -2.65 -12.30 27.15
C ARG C 47 -1.22 -11.79 27.04
N ALA C 48 -0.22 -12.65 27.22
CA ALA C 48 1.17 -12.20 27.15
C ALA C 48 1.47 -11.61 25.79
N ARG C 49 0.99 -12.24 24.71
CA ARG C 49 1.28 -11.74 23.39
C ARG C 49 0.54 -10.43 23.12
N TYR C 50 -0.72 -10.36 23.53
CA TYR C 50 -1.47 -9.12 23.38
C TYR C 50 -0.80 -7.98 24.14
N GLY C 51 -0.24 -8.27 25.30
CA GLY C 51 0.51 -7.25 26.03
C GLY C 51 1.70 -6.76 25.23
N LYS C 52 2.45 -7.69 24.64
CA LYS C 52 3.54 -7.30 23.75
C LYS C 52 3.03 -6.39 22.64
N ALA C 53 1.84 -6.71 22.09
CA ALA C 53 1.29 -5.90 21.01
C ALA C 53 0.97 -4.50 21.49
N GLN C 54 0.28 -4.39 22.63
CA GLN C 54 -0.02 -3.06 23.18
C GLN C 54 1.27 -2.29 23.45
N CYS C 55 2.27 -2.97 24.01
CA CYS C 55 3.55 -2.33 24.28
C CYS C 55 4.17 -1.75 23.00
N GLU C 56 4.33 -2.59 21.98
CA GLU C 56 4.81 -2.10 20.69
C GLU C 56 3.97 -0.93 20.21
N ASP C 57 2.65 -0.99 20.46
CA ASP C 57 1.76 0.08 20.03
C ASP C 57 2.06 1.37 20.78
N ASP C 58 2.22 1.29 22.10
CA ASP C 58 2.56 2.47 22.87
C ASP C 58 3.94 3.01 22.50
N LEU C 59 4.91 2.11 22.27
CA LEU C 59 6.23 2.54 21.84
C LEU C 59 6.14 3.36 20.55
N ALA C 60 5.36 2.86 19.57
CA ALA C 60 5.19 3.61 18.33
C ALA C 60 4.51 4.95 18.57
N GLU C 61 3.57 5.01 19.51
CA GLU C 61 2.90 6.27 19.79
C GLU C 61 3.86 7.26 20.45
N LYS C 62 4.67 6.79 21.39
CA LYS C 62 5.64 7.66 22.04
C LYS C 62 6.68 8.16 21.05
N ARG C 63 7.13 7.30 20.13
CA ARG C 63 8.19 7.64 19.20
C ARG C 63 7.67 8.25 17.89
N ARG C 64 6.38 8.10 17.60
CA ARG C 64 5.82 8.54 16.32
C ARG C 64 6.50 7.83 15.16
N SER C 65 6.65 6.51 15.31
CA SER C 65 7.35 5.67 14.34
C SER C 65 6.36 4.73 13.68
N ASN C 66 6.05 4.99 12.40
CA ASN C 66 5.26 4.04 11.63
C ASN C 66 5.94 2.67 11.60
N GLU C 67 7.27 2.65 11.62
CA GLU C 67 7.99 1.38 11.55
C GLU C 67 7.71 0.51 12.76
N VAL C 68 7.86 1.08 13.97
CA VAL C 68 7.49 0.37 15.18
C VAL C 68 6.04 -0.11 15.10
N LEU C 69 5.16 0.76 14.59
CA LEU C 69 3.74 0.43 14.58
C LEU C 69 3.45 -0.79 13.73
N ARG C 70 4.14 -0.92 12.59
CA ARG C 70 3.96 -2.10 11.75
C ARG C 70 4.19 -3.38 12.56
N GLY C 71 5.21 -3.37 13.42
CA GLY C 71 5.44 -4.52 14.28
C GLY C 71 4.25 -4.82 15.17
N ALA C 72 3.69 -3.78 15.80
CA ALA C 72 2.50 -3.97 16.62
C ALA C 72 1.38 -4.63 15.82
N ILE C 73 1.22 -4.23 14.56
CA ILE C 73 0.13 -4.76 13.74
C ILE C 73 0.24 -6.28 13.63
N GLU C 74 1.45 -6.77 13.34
CA GLU C 74 1.63 -8.22 13.23
C GLU C 74 1.40 -8.90 14.57
N THR C 75 1.94 -8.33 15.66
CA THR C 75 1.76 -8.92 16.97
C THR C 75 0.27 -9.11 17.27
N TYR C 76 -0.56 -8.11 16.93
CA TYR C 76 -1.99 -8.25 17.16
C TYR C 76 -2.56 -9.45 16.42
N GLN C 77 -2.06 -9.71 15.20
CA GLN C 77 -2.53 -10.86 14.45
C GLN C 77 -2.01 -12.16 15.04
N GLU C 78 -0.78 -12.15 15.57
CA GLU C 78 -0.24 -13.37 16.17
C GLU C 78 -1.11 -13.86 17.33
N VAL C 79 -1.79 -12.94 18.02
CA VAL C 79 -2.68 -13.35 19.11
C VAL C 79 -3.76 -14.29 18.58
N ALA C 80 -4.32 -13.97 17.41
CA ALA C 80 -5.39 -14.80 16.86
C ALA C 80 -4.89 -16.17 16.43
N SER C 81 -3.58 -16.34 16.25
CA SER C 81 -3.00 -17.64 15.90
C SER C 81 -2.55 -18.38 17.14
N LEU C 82 -3.46 -18.54 18.10
CA LEU C 82 -3.16 -19.14 19.38
C LEU C 82 -4.37 -19.93 19.84
N PRO C 83 -4.18 -20.93 20.72
CA PRO C 83 -5.31 -21.77 21.12
C PRO C 83 -6.17 -21.11 22.19
N ASP C 84 -7.47 -21.40 22.09
CA ASP C 84 -8.45 -21.02 23.10
C ASP C 84 -8.23 -19.59 23.59
N VAL C 85 -8.21 -18.66 22.64
CA VAL C 85 -8.09 -17.24 22.98
C VAL C 85 -9.45 -16.74 23.46
N PRO C 86 -9.52 -16.02 24.58
CA PRO C 86 -10.81 -15.44 24.98
C PRO C 86 -11.42 -14.64 23.84
N ALA C 87 -12.69 -14.91 23.55
CA ALA C 87 -13.34 -14.24 22.43
C ALA C 87 -13.26 -12.72 22.57
N ASP C 88 -13.35 -12.21 23.80
CA ASP C 88 -13.21 -10.76 24.00
C ASP C 88 -11.82 -10.29 23.62
N LEU C 89 -10.78 -11.04 24.01
CA LEU C 89 -9.41 -10.65 23.69
C LEU C 89 -9.15 -10.70 22.19
N LEU C 90 -9.73 -11.69 21.52
CA LEU C 90 -9.57 -11.78 20.06
C LEU C 90 -10.12 -10.53 19.39
N LYS C 91 -11.29 -10.06 19.81
CA LYS C 91 -11.89 -8.88 19.20
C LYS C 91 -11.02 -7.64 19.40
N LEU C 92 -10.61 -7.38 20.65
CA LEU C 92 -9.81 -6.19 20.92
C LEU C 92 -8.52 -6.20 20.12
N SER C 93 -7.87 -7.36 20.03
CA SER C 93 -6.59 -7.45 19.32
C SER C 93 -6.77 -7.09 17.84
N LEU C 94 -7.71 -7.74 17.16
CA LEU C 94 -7.87 -7.49 15.73
C LEU C 94 -8.55 -6.16 15.45
N LYS C 95 -9.50 -5.74 16.30
CA LYS C 95 -10.08 -4.41 16.14
C LYS C 95 -9.00 -3.34 16.20
N ARG C 96 -8.10 -3.44 17.18
CA ARG C 96 -6.99 -2.50 17.27
C ARG C 96 -6.07 -2.63 16.06
N ARG C 97 -5.90 -3.84 15.54
CA ARG C 97 -5.11 -4.02 14.33
C ARG C 97 -5.72 -3.23 13.17
N SER C 98 -7.03 -3.35 12.98
CA SER C 98 -7.70 -2.65 11.88
C SER C 98 -7.59 -1.14 12.05
N ASP C 99 -7.85 -0.65 13.27
CA ASP C 99 -7.74 0.78 13.53
C ASP C 99 -6.34 1.28 13.23
N ARG C 100 -5.31 0.50 13.56
CA ARG C 100 -3.94 0.91 13.31
C ARG C 100 -3.54 0.75 11.86
N GLN C 101 -4.07 -0.27 11.16
CA GLN C 101 -3.90 -0.33 9.71
C GLN C 101 -4.54 0.88 9.06
N GLN C 102 -5.78 1.19 9.47
CA GLN C 102 -6.47 2.38 8.98
C GLN C 102 -5.59 3.62 9.17
N PHE C 103 -5.04 3.77 10.37
CA PHE C 103 -4.21 4.94 10.69
C PHE C 103 -3.04 5.07 9.72
N LEU C 104 -2.47 3.96 9.26
CA LEU C 104 -1.31 3.99 8.39
C LEU C 104 -1.66 4.10 6.92
N GLY C 105 -2.95 4.07 6.56
CA GLY C 105 -3.36 4.11 5.17
C GLY C 105 -3.56 2.76 4.53
N HIS C 106 -3.39 1.67 5.28
CA HIS C 106 -3.60 0.32 4.77
C HIS C 106 -5.09 -0.01 4.78
N MET C 107 -5.81 0.64 3.87
CA MET C 107 -7.27 0.50 3.86
C MET C 107 -7.69 -0.92 3.46
N ARG C 108 -6.99 -1.53 2.52
CA ARG C 108 -7.31 -2.90 2.13
C ARG C 108 -6.77 -3.92 3.11
N GLY C 109 -5.73 -3.59 3.88
CA GLY C 109 -5.29 -4.47 4.94
C GLY C 109 -6.26 -4.47 6.12
N SER C 110 -6.74 -3.28 6.48
CA SER C 110 -7.79 -3.18 7.50
C SER C 110 -9.00 -4.01 7.10
N LEU C 111 -9.43 -3.88 5.84
CA LEU C 111 -10.62 -4.58 5.38
C LEU C 111 -10.50 -6.08 5.58
N LEU C 112 -9.35 -6.66 5.22
CA LEU C 112 -9.18 -8.10 5.42
C LEU C 112 -9.23 -8.45 6.91
N THR C 113 -8.78 -7.54 7.78
CA THR C 113 -8.92 -7.78 9.21
C THR C 113 -10.40 -7.74 9.61
N LEU C 114 -11.12 -6.72 9.17
CA LEU C 114 -12.55 -6.67 9.41
C LEU C 114 -13.25 -7.90 8.85
N GLN C 115 -12.84 -8.33 7.66
CA GLN C 115 -13.39 -9.55 7.10
C GLN C 115 -13.04 -10.75 7.96
N ARG C 116 -11.80 -10.79 8.47
CA ARG C 116 -11.38 -11.92 9.28
C ARG C 116 -12.24 -12.06 10.53
N LEU C 117 -12.39 -10.99 11.29
CA LEU C 117 -13.10 -11.11 12.56
C LEU C 117 -14.62 -11.20 12.38
N VAL C 118 -15.14 -10.81 11.22
CA VAL C 118 -16.50 -11.22 10.86
C VAL C 118 -16.52 -12.71 10.53
N GLN C 119 -15.44 -13.20 9.90
CA GLN C 119 -15.30 -14.64 9.68
C GLN C 119 -15.29 -15.39 11.01
N LEU C 120 -14.68 -14.80 12.03
CA LEU C 120 -14.56 -15.48 13.32
C LEU C 120 -15.85 -15.45 14.12
N PHE C 121 -16.66 -14.39 13.98
CA PHE C 121 -17.84 -14.17 14.82
C PHE C 121 -19.07 -14.00 13.94
N PRO C 122 -19.59 -15.10 13.39
CA PRO C 122 -20.78 -15.00 12.52
C PRO C 122 -21.94 -14.22 13.13
N ASN C 123 -22.07 -14.22 14.45
CA ASN C 123 -23.28 -13.71 15.09
C ASN C 123 -23.12 -12.31 15.67
N ASP C 124 -22.03 -11.62 15.35
CA ASP C 124 -21.78 -10.28 15.90
C ASP C 124 -22.19 -9.24 14.87
N THR C 125 -23.35 -8.61 15.12
CA THR C 125 -23.85 -7.57 14.23
C THR C 125 -22.90 -6.38 14.17
N SER C 126 -22.36 -5.98 15.32
CA SER C 126 -21.50 -4.80 15.37
C SER C 126 -20.32 -4.92 14.42
N LEU C 127 -19.78 -6.14 14.26
CA LEU C 127 -18.59 -6.31 13.45
C LEU C 127 -18.90 -6.17 11.96
N LYS C 128 -20.06 -6.68 11.52
CA LYS C 128 -20.45 -6.50 10.14
C LYS C 128 -20.71 -5.03 9.83
N ASN C 129 -21.28 -4.28 10.79
CA ASN C 129 -21.49 -2.86 10.57
C ASN C 129 -20.15 -2.15 10.36
N ASP C 130 -19.13 -2.56 11.10
CA ASP C 130 -17.80 -2.00 10.92
C ASP C 130 -17.20 -2.44 9.58
N LEU C 131 -17.48 -3.69 9.18
CA LEU C 131 -17.01 -4.17 7.88
C LEU C 131 -17.56 -3.32 6.75
N GLY C 132 -18.84 -2.95 6.85
CA GLY C 132 -19.45 -2.14 5.79
C GLY C 132 -18.77 -0.81 5.63
N VAL C 133 -18.39 -0.17 6.74
CA VAL C 133 -17.66 1.09 6.68
C VAL C 133 -16.31 0.87 6.01
N GLY C 134 -15.65 -0.25 6.32
CA GLY C 134 -14.39 -0.56 5.65
C GLY C 134 -14.54 -0.63 4.15
N TYR C 135 -15.63 -1.24 3.68
CA TYR C 135 -15.92 -1.23 2.25
C TYR C 135 -16.16 0.19 1.76
N LEU C 136 -17.00 0.95 2.47
CA LEU C 136 -17.29 2.31 2.05
C LEU C 136 -16.03 3.17 1.98
N LEU C 137 -15.05 2.89 2.83
CA LEU C 137 -13.84 3.73 2.87
C LEU C 137 -12.95 3.54 1.65
N ILE C 138 -13.09 2.42 0.93
CA ILE C 138 -12.34 2.20 -0.31
C ILE C 138 -13.26 2.34 -1.53
N GLY C 139 -14.43 2.94 -1.37
CA GLY C 139 -15.33 3.18 -2.47
C GLY C 139 -16.08 1.98 -2.99
N ASP C 140 -16.09 0.86 -2.25
CA ASP C 140 -16.75 -0.36 -2.72
C ASP C 140 -18.16 -0.41 -2.12
N ASN C 141 -19.06 0.33 -2.76
CA ASN C 141 -20.40 0.50 -2.22
C ASN C 141 -21.25 -0.76 -2.38
N ASP C 142 -21.08 -1.48 -3.48
CA ASP C 142 -21.90 -2.66 -3.72
C ASP C 142 -21.62 -3.75 -2.70
N ASN C 143 -20.36 -3.91 -2.29
CA ASN C 143 -20.07 -4.87 -1.22
C ASN C 143 -20.58 -4.37 0.11
N ALA C 144 -20.43 -3.07 0.38
CA ALA C 144 -21.03 -2.50 1.59
C ALA C 144 -22.54 -2.70 1.59
N LYS C 145 -23.17 -2.52 0.43
CA LYS C 145 -24.62 -2.69 0.34
C LYS C 145 -25.02 -4.10 0.74
N LYS C 146 -24.24 -5.09 0.32
CA LYS C 146 -24.55 -6.48 0.67
C LYS C 146 -24.37 -6.72 2.17
N VAL C 147 -23.34 -6.11 2.76
CA VAL C 147 -23.11 -6.28 4.20
C VAL C 147 -24.28 -5.75 4.99
N TYR C 148 -24.79 -4.58 4.63
CA TYR C 148 -25.88 -3.98 5.41
C TYR C 148 -27.22 -4.64 5.12
N GLU C 149 -27.38 -5.25 3.96
CA GLU C 149 -28.57 -6.06 3.73
C GLU C 149 -28.53 -7.32 4.58
N GLU C 150 -27.33 -7.88 4.80
CA GLU C 150 -27.22 -9.02 5.71
C GLU C 150 -27.57 -8.60 7.14
N VAL C 151 -27.05 -7.44 7.57
CA VAL C 151 -27.32 -6.98 8.93
C VAL C 151 -28.80 -6.72 9.12
N LEU C 152 -29.45 -6.10 8.14
CA LEU C 152 -30.88 -5.83 8.23
C LEU C 152 -31.72 -7.11 8.14
N SER C 153 -31.14 -8.20 7.61
CA SER C 153 -31.84 -9.48 7.62
C SER C 153 -31.93 -10.06 9.03
N VAL C 154 -30.85 -9.92 9.80
CA VAL C 154 -30.82 -10.48 11.15
C VAL C 154 -31.43 -9.51 12.15
N THR C 155 -31.13 -8.23 12.04
CA THR C 155 -31.59 -7.20 12.98
C THR C 155 -32.26 -6.09 12.18
N PRO C 156 -33.53 -6.27 11.80
CA PRO C 156 -34.20 -5.27 10.97
C PRO C 156 -34.20 -3.87 11.57
N ASN C 157 -34.01 -3.73 12.88
CA ASN C 157 -34.14 -2.44 13.54
C ASN C 157 -32.80 -1.77 13.86
N ASP C 158 -31.69 -2.26 13.29
CA ASP C 158 -30.38 -1.72 13.60
C ASP C 158 -30.22 -0.34 12.95
N GLY C 159 -30.11 0.71 13.77
CA GLY C 159 -30.12 2.06 13.23
C GLY C 159 -28.84 2.43 12.50
N PHE C 160 -27.70 1.91 12.96
CA PHE C 160 -26.45 2.16 12.25
C PHE C 160 -26.52 1.59 10.84
N ALA C 161 -27.10 0.40 10.70
CA ALA C 161 -27.22 -0.23 9.38
C ALA C 161 -28.18 0.56 8.49
N LYS C 162 -29.26 1.11 9.07
CA LYS C 162 -30.24 1.80 8.25
C LYS C 162 -29.68 3.08 7.64
N VAL C 163 -29.08 3.96 8.45
CA VAL C 163 -28.57 5.20 7.90
C VAL C 163 -27.52 4.92 6.83
N HIS C 164 -26.65 3.93 7.07
CA HIS C 164 -25.64 3.60 6.07
C HIS C 164 -26.28 3.02 4.81
N TYR C 165 -27.27 2.15 4.98
CA TYR C 165 -27.99 1.62 3.83
C TYR C 165 -28.66 2.76 3.05
N GLY C 166 -29.30 3.68 3.77
CA GLY C 166 -29.90 4.83 3.11
C GLY C 166 -28.88 5.65 2.35
N PHE C 167 -27.71 5.87 2.95
CA PHE C 167 -26.62 6.56 2.27
C PHE C 167 -26.28 5.87 0.95
N ILE C 168 -26.18 4.54 0.97
CA ILE C 168 -25.77 3.80 -0.22
C ILE C 168 -26.84 3.89 -1.29
N LEU C 169 -28.12 3.72 -0.90
CA LEU C 169 -29.22 3.87 -1.85
C LEU C 169 -29.21 5.25 -2.51
N LYS C 170 -29.05 6.28 -1.71
CA LYS C 170 -29.02 7.64 -2.25
C LYS C 170 -27.91 7.77 -3.29
N ALA C 171 -26.71 7.29 -2.96
CA ALA C 171 -25.60 7.37 -3.90
C ALA C 171 -25.90 6.58 -5.17
N GLN C 172 -26.70 5.52 -5.07
CA GLN C 172 -27.10 4.75 -6.24
C GLN C 172 -28.22 5.41 -7.03
N ASN C 173 -28.60 6.64 -6.69
CA ASN C 173 -29.69 7.38 -7.32
C ASN C 173 -31.07 6.88 -6.90
N LYS C 174 -31.14 5.98 -5.92
CA LYS C 174 -32.41 5.55 -5.35
C LYS C 174 -32.75 6.51 -4.20
N ILE C 175 -33.19 7.70 -4.58
CA ILE C 175 -33.25 8.81 -3.64
C ILE C 175 -34.48 8.73 -2.75
N ALA C 176 -35.66 8.49 -3.36
CA ALA C 176 -36.86 8.38 -2.55
C ALA C 176 -36.80 7.17 -1.61
N GLU C 177 -36.15 6.09 -2.04
CA GLU C 177 -36.07 4.90 -1.19
C GLU C 177 -35.20 5.14 0.05
N SER C 178 -34.23 6.05 -0.05
CA SER C 178 -33.29 6.25 1.05
C SER C 178 -33.91 6.98 2.23
N ILE C 179 -34.97 7.76 1.99
CA ILE C 179 -35.55 8.56 3.06
C ILE C 179 -35.99 7.72 4.24
N PRO C 180 -36.81 6.67 4.08
CA PRO C 180 -37.18 5.86 5.25
C PRO C 180 -36.00 5.32 6.03
N TYR C 181 -34.94 4.90 5.34
CA TYR C 181 -33.80 4.31 6.05
C TYR C 181 -33.02 5.39 6.80
N LEU C 182 -32.76 6.52 6.17
CA LEU C 182 -32.11 7.62 6.86
C LEU C 182 -32.95 8.11 8.03
N LYS C 183 -34.25 8.28 7.82
CA LYS C 183 -35.13 8.83 8.86
C LYS C 183 -35.21 7.90 10.06
N GLU C 184 -35.63 6.65 9.85
CA GLU C 184 -35.75 5.70 10.95
C GLU C 184 -34.39 5.50 11.63
N GLY C 185 -33.32 5.44 10.83
CA GLY C 185 -32.01 5.23 11.41
C GLY C 185 -31.62 6.33 12.38
N ILE C 186 -31.92 7.58 12.04
CA ILE C 186 -31.66 8.68 12.95
C ILE C 186 -32.59 8.61 14.15
N GLU C 187 -33.85 8.24 13.92
CA GLU C 187 -34.82 8.15 15.01
C GLU C 187 -34.46 7.06 16.02
N SER C 188 -33.72 6.05 15.58
CA SER C 188 -33.35 4.98 16.49
C SER C 188 -32.48 5.49 17.62
N GLY C 189 -31.65 6.49 17.36
CA GLY C 189 -30.75 7.00 18.37
C GLY C 189 -29.59 6.10 18.69
N ASP C 190 -29.32 5.11 17.85
CA ASP C 190 -28.26 4.16 18.14
C ASP C 190 -26.89 4.81 17.93
N PRO C 191 -25.85 4.25 18.55
CA PRO C 191 -24.51 4.82 18.38
C PRO C 191 -24.15 4.91 16.90
N GLY C 192 -23.55 6.05 16.53
CA GLY C 192 -23.14 6.28 15.17
C GLY C 192 -24.19 6.86 14.26
N THR C 193 -25.42 7.05 14.75
CA THR C 193 -26.49 7.63 13.93
C THR C 193 -26.65 9.14 14.09
N ASP C 194 -26.20 9.72 15.20
CA ASP C 194 -26.32 11.16 15.41
C ASP C 194 -25.12 11.86 14.77
N ASP C 195 -25.12 11.83 13.44
CA ASP C 195 -24.01 12.32 12.63
C ASP C 195 -24.58 13.31 11.63
N GLY C 196 -24.05 14.53 11.62
CA GLY C 196 -24.56 15.54 10.70
C GLY C 196 -24.65 15.05 9.27
N ARG C 197 -23.74 14.16 8.89
CA ARG C 197 -23.76 13.58 7.54
C ARG C 197 -25.13 13.03 7.18
N PHE C 198 -25.79 12.36 8.12
CA PHE C 198 -27.07 11.73 7.79
C PHE C 198 -28.21 12.73 7.78
N TYR C 199 -28.15 13.75 8.65
CA TYR C 199 -29.12 14.83 8.55
C TYR C 199 -28.98 15.56 7.23
N PHE C 200 -27.73 15.77 6.78
CA PHE C 200 -27.50 16.41 5.49
C PHE C 200 -28.14 15.61 4.37
N HIS C 201 -27.86 14.31 4.32
CA HIS C 201 -28.38 13.51 3.21
C HIS C 201 -29.89 13.33 3.32
N LEU C 202 -30.42 13.22 4.53
CA LEU C 202 -31.87 13.08 4.68
C LEU C 202 -32.58 14.31 4.14
N GLY C 203 -32.14 15.51 4.56
CA GLY C 203 -32.73 16.73 4.06
C GLY C 203 -32.58 16.88 2.55
N ASP C 204 -31.37 16.61 2.04
CA ASP C 204 -31.12 16.72 0.61
C ASP C 204 -32.04 15.78 -0.17
N ALA C 205 -32.15 14.53 0.26
CA ALA C 205 -33.03 13.59 -0.44
C ALA C 205 -34.47 14.08 -0.43
N MET C 206 -34.94 14.53 0.74
CA MET C 206 -36.32 15.02 0.85
C MET C 206 -36.56 16.22 -0.07
N GLN C 207 -35.61 17.14 -0.14
CA GLN C 207 -35.81 18.30 -1.02
C GLN C 207 -35.83 17.89 -2.48
N ARG C 208 -35.10 16.84 -2.85
CA ARG C 208 -35.04 16.45 -4.26
C ARG C 208 -36.24 15.62 -4.70
N VAL C 209 -37.14 15.24 -3.77
CA VAL C 209 -38.38 14.56 -4.11
C VAL C 209 -39.60 15.39 -3.68
N GLY C 210 -39.39 16.67 -3.39
CA GLY C 210 -40.52 17.51 -3.02
C GLY C 210 -41.09 17.26 -1.64
N ASN C 211 -40.44 16.42 -0.83
CA ASN C 211 -40.88 16.19 0.53
C ASN C 211 -40.69 17.46 1.36
N LYS C 212 -41.81 18.03 1.82
CA LYS C 212 -41.78 19.27 2.58
C LYS C 212 -41.27 19.10 4.01
N GLU C 213 -40.99 17.87 4.43
N GLU C 213 -40.99 17.87 4.43
CA GLU C 213 -40.48 17.62 5.78
CA GLU C 213 -40.48 17.61 5.78
C GLU C 213 -39.00 17.91 5.93
C GLU C 213 -38.99 17.89 5.93
N ALA C 214 -38.31 18.30 4.84
CA ALA C 214 -36.86 18.49 4.90
C ALA C 214 -36.46 19.50 5.98
N TYR C 215 -37.25 20.57 6.13
CA TYR C 215 -36.86 21.62 7.07
C TYR C 215 -37.09 21.21 8.51
N LYS C 216 -38.04 20.31 8.76
CA LYS C 216 -38.18 19.75 10.10
C LYS C 216 -36.88 19.07 10.53
N TRP C 217 -36.22 18.39 9.59
CA TRP C 217 -35.00 17.64 9.92
C TRP C 217 -33.77 18.53 9.92
N TYR C 218 -33.79 19.64 9.20
CA TYR C 218 -32.70 20.61 9.34
C TYR C 218 -32.74 21.30 10.69
N GLU C 219 -33.93 21.71 11.13
CA GLU C 219 -34.08 22.24 12.49
C GLU C 219 -33.62 21.21 13.51
N LEU C 220 -34.09 19.97 13.39
CA LEU C 220 -33.64 18.93 14.31
C LEU C 220 -32.12 18.81 14.28
N GLY C 221 -31.52 18.86 13.09
CA GLY C 221 -30.07 18.76 13.00
C GLY C 221 -29.36 19.92 13.68
N HIS C 222 -29.90 21.13 13.51
CA HIS C 222 -29.40 22.29 14.25
C HIS C 222 -29.46 22.06 15.74
N LYS C 223 -30.60 21.55 16.23
CA LYS C 223 -30.77 21.34 17.67
C LYS C 223 -29.76 20.34 18.23
N ARG C 224 -29.24 19.45 17.40
CA ARG C 224 -28.25 18.49 17.86
C ARG C 224 -26.81 18.94 17.58
N GLY C 225 -26.64 20.18 17.12
CA GLY C 225 -25.32 20.75 16.95
C GLY C 225 -24.66 20.45 15.63
N HIS C 226 -25.42 20.07 14.60
CA HIS C 226 -24.85 19.76 13.31
C HIS C 226 -24.91 20.93 12.34
N PHE C 227 -25.84 21.85 12.55
CA PHE C 227 -26.03 23.02 11.69
C PHE C 227 -26.12 24.25 12.58
N ALA C 228 -25.57 25.37 12.08
CA ALA C 228 -25.68 26.63 12.79
C ALA C 228 -27.13 27.07 12.93
N SER C 229 -27.97 26.78 11.93
CA SER C 229 -29.40 27.05 12.02
C SER C 229 -30.10 26.21 10.95
N VAL C 230 -31.43 26.37 10.88
CA VAL C 230 -32.20 25.67 9.86
C VAL C 230 -31.73 26.06 8.46
N TRP C 231 -31.32 27.31 8.27
CA TRP C 231 -30.91 27.79 6.96
C TRP C 231 -29.40 27.67 6.72
N GLN C 232 -28.59 27.92 7.75
CA GLN C 232 -27.14 28.02 7.61
C GLN C 232 -26.52 26.69 8.02
N ARG C 233 -26.01 25.94 7.04
CA ARG C 233 -25.66 24.53 7.26
C ARG C 233 -24.29 24.18 6.69
N SER C 234 -23.43 25.18 6.51
CA SER C 234 -22.06 24.93 6.06
C SER C 234 -21.31 24.01 7.02
N LEU C 235 -20.45 23.17 6.46
CA LEU C 235 -19.73 22.19 7.25
C LEU C 235 -18.65 22.85 8.09
N TYR C 236 -17.85 23.71 7.49
CA TYR C 236 -16.80 24.40 8.21
C TYR C 236 -17.29 25.77 8.65
N ASN C 237 -16.69 26.28 9.72
CA ASN C 237 -17.24 27.46 10.38
C ASN C 237 -16.13 28.17 11.13
N VAL C 238 -16.29 29.49 11.22
CA VAL C 238 -15.59 30.31 12.20
C VAL C 238 -16.65 30.98 13.07
N ASN C 239 -16.53 30.82 14.38
CA ASN C 239 -17.57 31.30 15.28
C ASN C 239 -17.54 32.81 15.40
N GLY C 240 -18.70 33.39 15.71
CA GLY C 240 -18.78 34.81 15.98
C GLY C 240 -18.85 35.69 14.75
N LEU C 241 -19.09 35.11 13.58
CA LEU C 241 -19.23 35.89 12.36
C LEU C 241 -20.69 36.23 12.14
N LYS C 242 -20.98 37.51 11.89
CA LYS C 242 -22.34 37.94 11.61
C LYS C 242 -22.97 37.05 10.54
N ALA C 243 -24.20 36.61 10.81
CA ALA C 243 -24.86 35.57 10.02
C ALA C 243 -26.19 36.12 9.53
N GLN C 244 -26.27 36.43 8.23
CA GLN C 244 -27.51 36.89 7.63
C GLN C 244 -27.44 36.55 6.15
N PRO C 245 -28.56 36.15 5.55
CA PRO C 245 -28.49 35.64 4.18
C PRO C 245 -28.10 36.70 3.15
N TRP C 246 -28.64 37.91 3.27
CA TRP C 246 -28.41 38.97 2.30
C TRP C 246 -27.70 40.15 2.94
N TRP C 247 -26.78 40.76 2.17
CA TRP C 247 -25.95 41.86 2.64
C TRP C 247 -26.00 43.02 1.66
N THR C 248 -25.99 44.23 2.17
CA THR C 248 -25.78 45.38 1.32
C THR C 248 -24.30 45.65 1.14
N PRO C 249 -23.90 46.33 0.05
CA PRO C 249 -22.50 46.77 -0.06
C PRO C 249 -22.01 47.48 1.18
N LYS C 250 -22.84 48.38 1.73
CA LYS C 250 -22.42 49.14 2.90
C LYS C 250 -22.18 48.23 4.10
N GLU C 251 -23.06 47.24 4.29
CA GLU C 251 -22.88 46.31 5.41
C GLU C 251 -21.57 45.54 5.30
N THR C 252 -21.10 45.26 4.08
CA THR C 252 -19.86 44.52 3.93
C THR C 252 -18.63 45.38 4.17
N GLY C 253 -18.73 46.69 3.97
CA GLY C 253 -17.58 47.56 4.01
C GLY C 253 -16.71 47.50 2.77
N TYR C 254 -17.01 46.61 1.83
CA TYR C 254 -16.24 46.50 0.59
C TYR C 254 -16.83 47.43 -0.49
N THR C 255 -16.92 48.71 -0.15
CA THR C 255 -17.61 49.67 -1.01
C THR C 255 -16.83 49.93 -2.29
N GLU C 256 -15.50 50.02 -2.22
CA GLU C 256 -14.75 50.36 -3.42
C GLU C 256 -14.71 49.18 -4.40
N LEU C 257 -14.79 47.95 -3.90
CA LEU C 257 -14.87 46.80 -4.79
C LEU C 257 -16.21 46.79 -5.52
N VAL C 258 -17.30 47.04 -4.80
CA VAL C 258 -18.60 47.06 -5.42
C VAL C 258 -18.69 48.19 -6.43
N LYS C 259 -18.09 49.35 -6.09
CA LYS C 259 -18.08 50.48 -7.00
C LYS C 259 -17.33 50.14 -8.28
N SER C 260 -16.15 49.51 -8.16
N SER C 260 -16.15 49.51 -8.16
CA SER C 260 -15.37 49.22 -9.35
CA SER C 260 -15.36 49.22 -9.36
C SER C 260 -16.10 48.22 -10.24
C SER C 260 -16.09 48.22 -10.25
N LEU C 261 -16.76 47.24 -9.64
CA LEU C 261 -17.50 46.25 -10.41
C LEU C 261 -18.63 46.90 -11.19
N GLU C 262 -19.45 47.71 -10.50
CA GLU C 262 -20.62 48.31 -11.14
C GLU C 262 -20.22 49.37 -12.15
N ARG C 263 -19.21 50.19 -11.84
CA ARG C 263 -18.85 51.27 -12.76
C ARG C 263 -18.21 50.73 -14.04
N ASN C 264 -17.50 49.60 -13.96
CA ASN C 264 -16.87 48.99 -15.11
C ASN C 264 -17.57 47.71 -15.58
N TRP C 265 -18.88 47.61 -15.35
CA TRP C 265 -19.57 46.34 -15.60
C TRP C 265 -19.58 45.96 -17.08
N LYS C 266 -19.76 46.94 -17.97
CA LYS C 266 -19.84 46.61 -19.40
C LYS C 266 -18.55 45.99 -19.89
N LEU C 267 -17.43 46.48 -19.36
N LEU C 267 -17.42 46.48 -19.37
CA LEU C 267 -16.13 45.92 -19.70
CA LEU C 267 -16.12 45.92 -19.71
C LEU C 267 -16.01 44.47 -19.24
C LEU C 267 -16.01 44.47 -19.24
N ILE C 268 -16.52 44.18 -18.05
CA ILE C 268 -16.50 42.81 -17.54
C ILE C 268 -17.40 41.94 -18.39
N ARG C 269 -18.60 42.42 -18.68
CA ARG C 269 -19.52 41.73 -19.57
C ARG C 269 -18.86 41.40 -20.90
N ASP C 270 -18.27 42.40 -21.55
CA ASP C 270 -17.77 42.21 -22.90
C ASP C 270 -16.65 41.19 -22.95
N GLU C 271 -15.77 41.18 -21.95
CA GLU C 271 -14.71 40.17 -21.95
C GLU C 271 -15.28 38.77 -21.73
N GLY C 272 -16.31 38.65 -20.89
CA GLY C 272 -16.95 37.35 -20.73
C GLY C 272 -17.61 36.88 -22.02
N LEU C 273 -18.27 37.80 -22.72
CA LEU C 273 -18.96 37.46 -23.95
C LEU C 273 -17.97 37.08 -25.05
N ALA C 274 -16.82 37.73 -25.08
CA ALA C 274 -15.83 37.38 -26.10
C ALA C 274 -15.28 35.96 -25.87
N VAL C 275 -15.07 35.56 -24.61
CA VAL C 275 -14.64 34.19 -24.34
C VAL C 275 -15.75 33.22 -24.74
N MET C 276 -16.99 33.54 -24.36
N MET C 276 -16.99 33.53 -24.36
CA MET C 276 -18.13 32.74 -24.76
CA MET C 276 -18.13 32.72 -24.76
C MET C 276 -18.23 32.62 -26.27
C MET C 276 -18.21 32.61 -26.28
N ASP C 277 -17.89 33.69 -27.00
CA ASP C 277 -18.08 33.67 -28.44
C ASP C 277 -16.99 32.90 -29.18
N LYS C 278 -15.75 32.87 -28.70
CA LYS C 278 -14.76 32.07 -29.44
C LYS C 278 -15.01 30.57 -29.29
N ALA C 279 -15.79 30.17 -28.28
CA ALA C 279 -16.35 28.82 -28.19
C ALA C 279 -15.30 27.72 -28.34
N LYS C 280 -14.26 27.80 -27.50
CA LYS C 280 -13.23 26.77 -27.46
C LYS C 280 -13.31 25.93 -26.19
N GLY C 281 -14.51 25.77 -25.64
CA GLY C 281 -14.70 24.95 -24.46
C GLY C 281 -14.16 25.56 -23.19
N LEU C 282 -14.08 26.89 -23.12
CA LEU C 282 -13.49 27.55 -21.97
C LEU C 282 -14.48 27.69 -20.83
N PHE C 283 -15.78 27.80 -21.13
CA PHE C 283 -16.78 27.66 -20.08
C PHE C 283 -17.01 26.17 -19.82
N LEU C 284 -16.93 25.78 -18.54
CA LEU C 284 -17.00 24.39 -18.14
C LEU C 284 -18.24 24.15 -17.30
N PRO C 285 -18.79 22.94 -17.32
CA PRO C 285 -20.02 22.69 -16.55
C PRO C 285 -19.83 22.99 -15.06
N GLU C 286 -20.82 23.64 -14.49
CA GLU C 286 -20.90 23.80 -13.05
C GLU C 286 -21.31 22.47 -12.42
N ASP C 287 -21.26 22.44 -11.08
CA ASP C 287 -21.45 21.20 -10.31
C ASP C 287 -22.63 20.38 -10.81
N GLU C 288 -22.34 19.22 -11.41
CA GLU C 288 -23.41 18.37 -11.93
C GLU C 288 -24.34 17.89 -10.82
N ASN C 289 -23.84 17.75 -9.61
CA ASN C 289 -24.71 17.26 -8.53
C ASN C 289 -25.77 18.28 -8.16
N LEU C 290 -25.50 19.57 -8.36
CA LEU C 290 -26.45 20.61 -8.02
C LEU C 290 -27.43 20.93 -9.15
N ARG C 291 -27.13 20.52 -10.38
CA ARG C 291 -27.97 20.82 -11.54
C ARG C 291 -29.03 19.74 -11.69
N GLU C 292 -30.29 20.10 -11.40
CA GLU C 292 -31.38 19.18 -11.70
C GLU C 292 -31.52 18.97 -13.20
N LYS C 293 -31.40 20.04 -13.96
CA LYS C 293 -31.64 20.04 -15.40
C LYS C 293 -31.09 21.35 -15.94
N GLY C 294 -30.95 21.41 -17.26
CA GLY C 294 -30.54 22.61 -17.91
C GLY C 294 -29.07 22.62 -18.28
N ASP C 295 -28.56 23.83 -18.46
CA ASP C 295 -27.21 24.07 -18.98
C ASP C 295 -26.62 25.22 -18.17
N TRP C 296 -25.50 24.97 -17.51
CA TRP C 296 -24.98 25.89 -16.50
C TRP C 296 -23.47 25.73 -16.49
N SER C 297 -22.74 26.81 -16.76
CA SER C 297 -21.30 26.67 -16.91
C SER C 297 -20.58 27.91 -16.41
N GLN C 298 -19.27 27.75 -16.23
CA GLN C 298 -18.44 28.65 -15.45
C GLN C 298 -17.12 28.85 -16.17
N PHE C 299 -16.61 30.09 -16.10
CA PHE C 299 -15.28 30.44 -16.57
C PHE C 299 -14.55 31.10 -15.39
N THR C 300 -13.61 30.38 -14.79
CA THR C 300 -12.99 30.80 -13.52
C THR C 300 -11.74 31.63 -13.76
N LEU C 301 -11.67 32.80 -13.11
CA LEU C 301 -10.48 33.64 -13.13
C LEU C 301 -9.58 33.44 -11.91
N TRP C 302 -10.17 33.30 -10.72
CA TRP C 302 -9.44 32.98 -9.51
C TRP C 302 -10.07 31.78 -8.82
N GLN C 303 -9.22 30.91 -8.28
CA GLN C 303 -9.66 29.72 -7.55
C GLN C 303 -8.87 29.68 -6.24
N GLN C 304 -9.55 29.98 -5.13
CA GLN C 304 -8.96 29.89 -3.80
C GLN C 304 -7.61 30.59 -3.70
N GLY C 305 -7.57 31.85 -4.13
CA GLY C 305 -6.38 32.65 -4.02
C GLY C 305 -5.40 32.51 -5.16
N ARG C 306 -5.65 31.62 -6.12
CA ARG C 306 -4.71 31.34 -7.21
C ARG C 306 -5.30 31.89 -8.50
N ARG C 307 -4.58 32.82 -9.13
CA ARG C 307 -4.99 33.34 -10.42
C ARG C 307 -4.81 32.28 -11.49
N ASN C 308 -5.81 32.14 -12.35
CA ASN C 308 -5.71 31.29 -13.54
C ASN C 308 -5.09 32.15 -14.65
N GLU C 309 -3.82 31.87 -14.98
CA GLU C 309 -3.10 32.75 -15.88
C GLU C 309 -3.71 32.74 -17.28
N ASN C 310 -4.10 31.56 -17.76
CA ASN C 310 -4.68 31.47 -19.10
C ASN C 310 -6.03 32.19 -19.15
N ALA C 311 -6.85 32.02 -18.12
CA ALA C 311 -8.13 32.72 -18.10
C ALA C 311 -7.94 34.23 -18.13
N CYS C 312 -6.97 34.73 -17.34
CA CYS C 312 -6.78 36.18 -17.29
C CYS C 312 -6.21 36.74 -18.59
N LYS C 313 -5.55 35.91 -19.40
CA LYS C 313 -5.20 36.35 -20.75
C LYS C 313 -6.43 36.50 -21.63
N GLY C 314 -7.54 35.88 -21.27
CA GLY C 314 -8.77 36.02 -22.01
C GLY C 314 -9.65 37.15 -21.52
N ALA C 315 -9.52 37.50 -20.24
CA ALA C 315 -10.22 38.65 -19.67
C ALA C 315 -9.22 39.57 -18.98
N PRO C 316 -8.29 40.16 -19.74
CA PRO C 316 -7.20 40.91 -19.08
C PRO C 316 -7.66 42.16 -18.36
N LYS C 317 -8.61 42.93 -18.90
CA LYS C 317 -9.01 44.14 -18.20
C LYS C 317 -9.78 43.80 -16.93
N THR C 318 -10.60 42.74 -16.97
CA THR C 318 -11.31 42.30 -15.78
C THR C 318 -10.34 41.84 -14.69
N CYS C 319 -9.26 41.17 -15.08
CA CYS C 319 -8.29 40.74 -14.07
C CYS C 319 -7.48 41.92 -13.54
N THR C 320 -7.07 42.85 -14.42
CA THR C 320 -6.41 44.07 -13.97
C THR C 320 -7.26 44.79 -12.92
N LEU C 321 -8.56 44.90 -13.19
CA LEU C 321 -9.47 45.54 -12.24
C LEU C 321 -9.44 44.83 -10.89
N LEU C 322 -9.50 43.49 -10.92
CA LEU C 322 -9.66 42.71 -9.70
C LEU C 322 -8.40 42.67 -8.85
N GLU C 323 -7.23 42.71 -9.47
N GLU C 323 -7.23 42.71 -9.47
CA GLU C 323 -5.98 42.58 -8.72
CA GLU C 323 -5.97 42.59 -8.74
C GLU C 323 -5.76 43.71 -7.73
C GLU C 323 -5.76 43.72 -7.74
N LYS C 324 -6.52 44.80 -7.85
CA LYS C 324 -6.50 45.88 -6.87
C LYS C 324 -7.22 45.52 -5.58
N PHE C 325 -7.87 44.35 -5.50
CA PHE C 325 -8.75 44.00 -4.36
C PHE C 325 -8.36 42.64 -3.82
N PRO C 326 -7.31 42.59 -2.98
CA PRO C 326 -6.93 41.31 -2.36
C PRO C 326 -8.03 40.69 -1.52
N GLU C 327 -9.02 41.47 -1.07
CA GLU C 327 -10.09 40.89 -0.28
C GLU C 327 -10.89 39.85 -1.07
N THR C 328 -10.81 39.85 -2.40
CA THR C 328 -11.37 38.79 -3.20
C THR C 328 -10.31 37.91 -3.84
N THR C 329 -9.28 38.49 -4.46
CA THR C 329 -8.29 37.65 -5.13
C THR C 329 -7.54 36.77 -4.13
N GLY C 330 -7.39 37.23 -2.89
CA GLY C 330 -6.74 36.46 -1.84
C GLY C 330 -7.65 35.62 -0.99
N CYS C 331 -8.94 35.51 -1.33
CA CYS C 331 -9.87 34.70 -0.56
C CYS C 331 -9.62 33.24 -0.87
N ARG C 332 -8.91 32.55 0.03
CA ARG C 332 -8.61 31.14 -0.19
C ARG C 332 -9.83 30.26 0.01
N ARG C 333 -10.93 30.80 0.53
CA ARG C 333 -12.20 30.07 0.60
C ARG C 333 -13.20 30.59 -0.43
N GLY C 334 -12.72 31.26 -1.47
CA GLY C 334 -13.60 31.76 -2.49
C GLY C 334 -13.09 31.53 -3.89
N GLN C 335 -13.77 32.11 -4.88
CA GLN C 335 -13.36 32.06 -6.26
C GLN C 335 -13.89 33.31 -6.96
N ILE C 336 -13.48 33.50 -8.20
CA ILE C 336 -13.98 34.57 -9.06
C ILE C 336 -14.26 33.92 -10.40
N LYS C 337 -15.51 34.01 -10.87
CA LYS C 337 -15.84 33.32 -12.10
C LYS C 337 -17.05 33.95 -12.78
N TYR C 338 -17.08 33.82 -14.10
CA TYR C 338 -18.30 34.07 -14.84
C TYR C 338 -19.15 32.81 -14.76
N SER C 339 -20.48 32.98 -14.76
CA SER C 339 -21.38 31.83 -14.78
C SER C 339 -22.52 32.12 -15.76
N ILE C 340 -22.67 31.23 -16.75
CA ILE C 340 -23.77 31.29 -17.72
C ILE C 340 -24.82 30.27 -17.31
N MET C 341 -26.08 30.69 -17.31
CA MET C 341 -27.19 29.78 -17.09
C MET C 341 -28.21 29.97 -18.20
N HIS C 342 -28.64 28.86 -18.80
CA HIS C 342 -29.55 28.92 -19.92
C HIS C 342 -30.97 28.58 -19.46
N PRO C 343 -31.96 28.87 -20.30
CA PRO C 343 -33.34 28.54 -19.92
C PRO C 343 -33.53 27.06 -19.68
N GLY C 344 -34.49 26.73 -18.83
CA GLY C 344 -34.74 25.36 -18.47
C GLY C 344 -33.79 24.83 -17.42
N THR C 345 -33.14 25.71 -16.66
CA THR C 345 -32.19 25.29 -15.65
C THR C 345 -32.76 25.50 -14.25
N HIS C 346 -32.56 24.51 -13.38
CA HIS C 346 -32.90 24.60 -11.97
C HIS C 346 -31.74 24.05 -11.17
N VAL C 347 -31.25 24.82 -10.21
CA VAL C 347 -30.20 24.38 -9.29
C VAL C 347 -30.82 24.06 -7.94
N TRP C 348 -30.56 22.85 -7.45
CA TRP C 348 -31.15 22.38 -6.20
C TRP C 348 -30.76 23.27 -5.03
N PRO C 349 -31.60 23.34 -4.00
CA PRO C 349 -31.17 24.00 -2.75
C PRO C 349 -29.87 23.38 -2.23
N HIS C 350 -28.94 24.24 -1.85
CA HIS C 350 -27.66 23.76 -1.37
C HIS C 350 -26.99 24.86 -0.57
N THR C 351 -25.83 24.52 -0.02
CA THR C 351 -25.04 25.42 0.80
C THR C 351 -23.60 25.31 0.33
N GLY C 352 -22.83 26.40 0.54
CA GLY C 352 -21.39 26.35 0.36
C GLY C 352 -20.69 25.69 1.52
N PRO C 353 -19.39 25.44 1.37
CA PRO C 353 -18.68 24.64 2.38
C PRO C 353 -18.35 25.35 3.68
N THR C 354 -18.27 26.68 3.71
N THR C 354 -18.25 26.68 3.71
CA THR C 354 -17.89 27.38 4.94
CA THR C 354 -17.85 27.39 4.91
C THR C 354 -18.72 28.65 5.09
C THR C 354 -18.71 28.64 5.09
N ASN C 355 -18.54 29.31 6.24
CA ASN C 355 -19.20 30.59 6.52
C ASN C 355 -18.23 31.76 6.44
N CYS C 356 -17.09 31.59 5.79
CA CYS C 356 -16.00 32.55 5.84
C CYS C 356 -15.94 33.45 4.62
N ARG C 357 -16.95 33.39 3.75
CA ARG C 357 -17.00 34.21 2.54
C ARG C 357 -18.40 34.76 2.36
N LEU C 358 -18.47 35.90 1.66
CA LEU C 358 -19.69 36.40 1.06
C LEU C 358 -19.55 36.28 -0.45
N ARG C 359 -20.68 36.10 -1.14
CA ARG C 359 -20.68 35.99 -2.60
C ARG C 359 -21.33 37.23 -3.18
N MET C 360 -20.58 37.92 -4.04
CA MET C 360 -21.09 39.04 -4.82
C MET C 360 -21.45 38.53 -6.21
N HIS C 361 -22.65 38.89 -6.68
CA HIS C 361 -23.11 38.59 -8.02
C HIS C 361 -23.29 39.89 -8.78
N LEU C 362 -22.53 40.08 -9.85
CA LEU C 362 -22.69 41.23 -10.73
C LEU C 362 -23.47 40.79 -11.96
N GLY C 363 -24.63 41.40 -12.19
CA GLY C 363 -25.41 41.11 -13.38
C GLY C 363 -24.75 41.67 -14.63
N LEU C 364 -24.62 40.82 -15.66
CA LEU C 364 -24.02 41.20 -16.93
C LEU C 364 -25.00 41.09 -18.09
N VAL C 365 -25.61 39.93 -18.31
CA VAL C 365 -26.71 39.76 -19.27
C VAL C 365 -27.84 39.11 -18.50
N ILE C 366 -28.89 39.87 -18.22
CA ILE C 366 -29.98 39.39 -17.39
C ILE C 366 -31.26 39.55 -18.19
N PRO C 367 -31.85 38.47 -18.68
CA PRO C 367 -33.18 38.58 -19.31
C PRO C 367 -34.16 39.28 -18.38
N LYS C 368 -35.16 39.94 -18.97
CA LYS C 368 -36.09 40.72 -18.18
C LYS C 368 -36.97 39.84 -17.31
N GLU C 369 -37.17 38.58 -17.67
CA GLU C 369 -37.99 37.67 -16.90
C GLU C 369 -37.34 36.30 -16.84
N GLY C 370 -37.66 35.56 -15.78
CA GLY C 370 -37.34 34.14 -15.72
C GLY C 370 -36.18 33.75 -14.82
N CYS C 371 -35.37 34.72 -14.37
CA CYS C 371 -34.18 34.43 -13.60
C CYS C 371 -34.34 34.92 -12.17
N LYS C 372 -34.14 34.03 -11.21
CA LYS C 372 -34.31 34.42 -9.82
C LYS C 372 -33.48 33.51 -8.91
N ILE C 373 -33.12 34.06 -7.76
CA ILE C 373 -32.31 33.35 -6.79
C ILE C 373 -32.92 33.54 -5.41
N ARG C 374 -33.08 32.45 -4.68
CA ARG C 374 -33.52 32.45 -3.30
C ARG C 374 -32.34 32.18 -2.39
N CYS C 375 -32.22 32.96 -1.33
CA CYS C 375 -31.32 32.65 -0.23
C CYS C 375 -32.15 32.72 1.04
N ALA C 376 -32.20 31.62 1.79
CA ALA C 376 -33.03 31.51 2.98
C ALA C 376 -34.47 31.68 2.53
N ASN C 377 -35.21 32.67 3.04
CA ASN C 377 -36.63 32.81 2.75
C ASN C 377 -36.94 33.98 1.82
N GLU C 378 -35.93 34.66 1.28
CA GLU C 378 -36.15 35.81 0.41
C GLU C 378 -35.60 35.53 -0.99
N THR C 379 -36.43 35.78 -2.00
CA THR C 379 -36.06 35.59 -3.39
C THR C 379 -35.82 36.94 -4.04
N LYS C 380 -34.79 37.00 -4.89
CA LYS C 380 -34.43 38.23 -5.58
C LYS C 380 -34.02 37.89 -7.01
N THR C 381 -33.79 38.95 -7.79
CA THR C 381 -33.30 38.80 -9.15
C THR C 381 -32.09 39.70 -9.36
N TRP C 382 -31.32 39.38 -10.40
CA TRP C 382 -30.18 40.20 -10.75
C TRP C 382 -30.61 41.41 -11.58
N GLU C 383 -29.76 42.43 -11.58
CA GLU C 383 -29.88 43.56 -12.50
C GLU C 383 -28.54 43.76 -13.19
N GLU C 384 -28.59 44.13 -14.47
CA GLU C 384 -27.38 44.39 -15.23
C GLU C 384 -26.66 45.61 -14.65
N GLY C 385 -25.37 45.44 -14.37
CA GLY C 385 -24.55 46.48 -13.76
C GLY C 385 -24.72 46.67 -12.27
N LYS C 386 -25.48 45.81 -11.59
CA LYS C 386 -25.69 45.92 -10.15
C LYS C 386 -25.22 44.66 -9.47
N VAL C 387 -24.77 44.82 -8.23
CA VAL C 387 -24.22 43.73 -7.44
C VAL C 387 -25.23 43.31 -6.40
N LEU C 388 -25.48 42.00 -6.33
CA LEU C 388 -26.15 41.33 -5.23
C LEU C 388 -25.09 40.67 -4.35
N ILE C 389 -25.35 40.64 -3.03
CA ILE C 389 -24.41 40.04 -2.09
C ILE C 389 -25.17 39.12 -1.13
N PHE C 390 -24.73 37.87 -1.02
CA PHE C 390 -25.36 36.96 -0.08
C PHE C 390 -24.30 36.05 0.53
N ASP C 391 -24.68 35.45 1.64
CA ASP C 391 -23.84 34.50 2.36
C ASP C 391 -24.30 33.10 1.96
N ASP C 392 -23.48 32.43 1.15
CA ASP C 392 -23.89 31.16 0.56
C ASP C 392 -23.74 29.98 1.51
N SER C 393 -23.30 30.23 2.75
CA SER C 393 -23.46 29.20 3.77
C SER C 393 -24.93 29.05 4.15
N PHE C 394 -25.79 29.97 3.72
CA PHE C 394 -27.23 29.86 3.85
C PHE C 394 -27.76 29.15 2.61
N GLU C 395 -28.73 28.26 2.82
CA GLU C 395 -29.36 27.55 1.71
C GLU C 395 -29.81 28.52 0.63
N HIS C 396 -29.41 28.25 -0.61
CA HIS C 396 -29.86 29.06 -1.73
C HIS C 396 -30.21 28.15 -2.91
N GLU C 397 -31.04 28.69 -3.81
CA GLU C 397 -31.64 27.95 -4.90
C GLU C 397 -31.78 28.90 -6.08
N VAL C 398 -31.61 28.39 -7.30
CA VAL C 398 -31.67 29.21 -8.51
C VAL C 398 -32.59 28.58 -9.55
N TRP C 399 -33.27 29.45 -10.31
CA TRP C 399 -34.08 29.06 -11.45
C TRP C 399 -33.79 29.96 -12.65
N GLN C 400 -33.94 29.40 -13.84
CA GLN C 400 -33.73 30.12 -15.10
C GLN C 400 -34.84 29.64 -16.05
N ASP C 401 -35.91 30.43 -16.17
CA ASP C 401 -37.01 30.14 -17.09
C ASP C 401 -37.19 31.26 -18.11
N ALA C 402 -36.09 31.95 -18.45
CA ALA C 402 -36.13 33.02 -19.42
C ALA C 402 -36.21 32.45 -20.83
N SER C 403 -36.07 33.30 -21.85
CA SER C 403 -36.04 32.86 -23.23
C SER C 403 -34.66 33.02 -23.87
N SER C 404 -33.65 33.33 -23.07
CA SER C 404 -32.29 33.50 -23.56
C SER C 404 -31.35 33.41 -22.39
N PHE C 405 -30.05 33.40 -22.69
CA PHE C 405 -29.05 33.06 -21.69
C PHE C 405 -28.87 34.19 -20.67
N ARG C 406 -28.35 33.81 -19.51
CA ARG C 406 -28.08 34.74 -18.44
C ARG C 406 -26.64 34.63 -18.00
N LEU C 407 -25.93 35.76 -17.94
CA LEU C 407 -24.54 35.81 -17.55
C LEU C 407 -24.38 36.68 -16.31
N ILE C 408 -23.72 36.15 -15.28
CA ILE C 408 -23.36 36.90 -14.09
C ILE C 408 -21.87 36.72 -13.86
N PHE C 409 -21.33 37.62 -13.02
CA PHE C 409 -19.95 37.58 -12.56
C PHE C 409 -19.98 37.40 -11.05
N ILE C 410 -19.30 36.36 -10.57
CA ILE C 410 -19.33 35.98 -9.17
C ILE C 410 -17.98 36.29 -8.58
N VAL C 411 -17.98 37.07 -7.50
CA VAL C 411 -16.78 37.55 -6.83
C VAL C 411 -16.94 37.23 -5.35
N ASP C 412 -16.13 36.30 -4.84
CA ASP C 412 -16.17 35.96 -3.42
C ASP C 412 -15.21 36.84 -2.64
N VAL C 413 -15.61 37.20 -1.42
CA VAL C 413 -14.78 37.98 -0.52
C VAL C 413 -14.79 37.31 0.85
N TRP C 414 -13.72 37.54 1.60
CA TRP C 414 -13.70 37.14 3.00
C TRP C 414 -14.87 37.79 3.74
N HIS C 415 -15.49 37.04 4.66
CA HIS C 415 -16.41 37.66 5.59
C HIS C 415 -15.73 38.88 6.22
N PRO C 416 -16.39 40.04 6.25
CA PRO C 416 -15.68 41.27 6.69
C PRO C 416 -15.20 41.23 8.14
N GLU C 417 -15.80 40.40 8.99
CA GLU C 417 -15.44 40.37 10.40
C GLU C 417 -14.27 39.43 10.70
N LEU C 418 -13.74 38.75 9.69
CA LEU C 418 -12.47 38.04 9.84
C LEU C 418 -11.33 39.03 9.96
N THR C 419 -10.44 38.80 10.95
CA THR C 419 -9.32 39.69 11.19
C THR C 419 -8.22 39.45 10.16
N PRO C 420 -7.34 40.43 9.94
CA PRO C 420 -6.19 40.18 9.06
C PRO C 420 -5.43 38.91 9.43
N GLN C 421 -5.26 38.67 10.73
CA GLN C 421 -4.62 37.44 11.19
C GLN C 421 -5.40 36.21 10.73
N GLN C 422 -6.72 36.21 10.91
CA GLN C 422 -7.54 35.08 10.51
C GLN C 422 -7.45 34.83 9.01
N ARG C 423 -7.43 35.89 8.21
CA ARG C 423 -7.36 35.74 6.75
C ARG C 423 -6.01 35.19 6.31
N ARG C 424 -4.93 35.51 7.03
N ARG C 424 -4.93 35.51 7.03
CA ARG C 424 -3.62 35.02 6.64
CA ARG C 424 -3.62 35.02 6.64
C ARG C 424 -3.46 33.53 6.91
C ARG C 424 -3.45 33.53 6.92
N SER C 425 -4.17 33.00 7.92
CA SER C 425 -3.86 31.69 8.45
C SER C 425 -4.94 30.64 8.28
N LEU C 426 -6.20 31.03 8.05
CA LEU C 426 -7.27 30.06 7.88
C LEU C 426 -6.84 28.99 6.86
N PRO C 427 -6.88 27.71 7.21
CA PRO C 427 -6.47 26.69 6.23
C PRO C 427 -7.43 26.68 5.06
N ALA C 428 -6.88 26.74 3.84
CA ALA C 428 -7.70 26.89 2.65
C ALA C 428 -8.68 25.74 2.44
N ILE C 429 -8.59 24.68 3.22
CA ILE C 429 -9.53 23.57 3.14
C ILE C 429 -10.97 24.06 3.29
MN MN D . 28.14 -23.20 2.99
C10 U4Q E . 29.16 -26.98 5.30
C02 U4Q E . 28.61 -22.82 5.91
C04 U4Q E . 28.81 -24.32 5.69
C05 U4Q E . 28.97 -25.14 6.79
C06 U4Q E . 29.14 -26.50 6.60
C07 U4Q E . 29.34 -27.44 7.78
C12 U4Q E . 28.98 -26.10 4.25
F11 U4Q E . 29.32 -28.30 5.02
N13 U4Q E . 28.82 -24.80 4.45
O01 U4Q E . 28.68 -22.34 7.06
O03 U4Q E . 28.32 -22.08 4.93
O08 U4Q E . 30.42 -28.09 7.83
O09 U4Q E . 28.47 -27.53 8.69
H051 U4Q E . 28.97 -24.73 7.79
H121 U4Q E . 28.98 -26.48 3.24
MN MN F . -24.08 28.07 -4.62
C10 U4Q G . -26.22 29.10 -8.58
C02 U4Q G . -23.33 30.64 -5.90
C04 U4Q G . -24.37 30.08 -6.87
C05 U4Q G . -24.58 30.70 -8.07
C06 U4Q G . -25.51 30.21 -8.96
C07 U4Q G . -25.75 30.89 -10.30
C12 U4Q G . -25.97 28.51 -7.37
F11 U4Q G . -27.14 28.56 -9.40
N13 U4Q G . -25.07 29.01 -6.55
O01 U4Q G . -23.10 30.01 -4.84
O03 U4Q G . -22.71 31.72 -6.15
O08 U4Q G . -24.87 30.87 -11.19
O09 U4Q G . -26.85 31.47 -10.48
H051 U4Q G . -24.00 31.58 -8.33
H121 U4Q G . -26.53 27.62 -7.07
#